data_1ZF0
# 
_entry.id   1ZF0 
# 
_audit_conform.dict_name       mmcif_pdbx.dic 
_audit_conform.dict_version    5.389 
_audit_conform.dict_location   http://mmcif.pdb.org/dictionaries/ascii/mmcif_pdbx.dic 
# 
loop_
_database_2.database_id 
_database_2.database_code 
_database_2.pdbx_database_accession 
_database_2.pdbx_DOI 
PDB   1ZF0         pdb_00001zf0 10.2210/pdb1zf0/pdb 
NDB   BD0077       ?            ?                   
RCSB  RCSB032643   ?            ?                   
WWPDB D_1000032643 ?            ?                   
# 
loop_
_pdbx_audit_revision_history.ordinal 
_pdbx_audit_revision_history.data_content_type 
_pdbx_audit_revision_history.major_revision 
_pdbx_audit_revision_history.minor_revision 
_pdbx_audit_revision_history.revision_date 
1 'Structure model' 1 0 2005-05-10 
2 'Structure model' 1 1 2008-04-30 
3 'Structure model' 1 2 2011-07-13 
4 'Structure model' 1 3 2017-10-11 
5 'Structure model' 1 4 2024-02-14 
6 'Structure model' 1 5 2024-04-03 
# 
_pdbx_audit_revision_details.ordinal             1 
_pdbx_audit_revision_details.revision_ordinal    1 
_pdbx_audit_revision_details.data_content_type   'Structure model' 
_pdbx_audit_revision_details.provider            repository 
_pdbx_audit_revision_details.type                'Initial release' 
_pdbx_audit_revision_details.description         ? 
_pdbx_audit_revision_details.details             ? 
# 
loop_
_pdbx_audit_revision_group.ordinal 
_pdbx_audit_revision_group.revision_ordinal 
_pdbx_audit_revision_group.data_content_type 
_pdbx_audit_revision_group.group 
1 2 'Structure model' 'Version format compliance' 
2 3 'Structure model' 'Version format compliance' 
3 4 'Structure model' 'Refinement description'    
4 5 'Structure model' 'Data collection'           
5 5 'Structure model' 'Database references'       
6 5 'Structure model' 'Derived calculations'      
7 6 'Structure model' 'Refinement description'    
# 
loop_
_pdbx_audit_revision_category.ordinal 
_pdbx_audit_revision_category.revision_ordinal 
_pdbx_audit_revision_category.data_content_type 
_pdbx_audit_revision_category.category 
1 4 'Structure model' software                      
2 5 'Structure model' chem_comp_atom                
3 5 'Structure model' chem_comp_bond                
4 5 'Structure model' database_2                    
5 5 'Structure model' pdbx_struct_conn_angle        
6 5 'Structure model' struct_conn                   
7 5 'Structure model' struct_site                   
8 6 'Structure model' pdbx_initial_refinement_model 
# 
loop_
_pdbx_audit_revision_item.ordinal 
_pdbx_audit_revision_item.revision_ordinal 
_pdbx_audit_revision_item.data_content_type 
_pdbx_audit_revision_item.item 
1  5 'Structure model' '_database_2.pdbx_DOI'                        
2  5 'Structure model' '_database_2.pdbx_database_accession'         
3  5 'Structure model' '_pdbx_struct_conn_angle.ptnr1_auth_asym_id'  
4  5 'Structure model' '_pdbx_struct_conn_angle.ptnr1_auth_comp_id'  
5  5 'Structure model' '_pdbx_struct_conn_angle.ptnr1_auth_seq_id'   
6  5 'Structure model' '_pdbx_struct_conn_angle.ptnr1_label_asym_id' 
7  5 'Structure model' '_pdbx_struct_conn_angle.ptnr1_label_atom_id' 
8  5 'Structure model' '_pdbx_struct_conn_angle.ptnr1_label_comp_id' 
9  5 'Structure model' '_pdbx_struct_conn_angle.ptnr1_label_seq_id'  
10 5 'Structure model' '_pdbx_struct_conn_angle.ptnr1_symmetry'      
11 5 'Structure model' '_pdbx_struct_conn_angle.ptnr2_auth_seq_id'   
12 5 'Structure model' '_pdbx_struct_conn_angle.ptnr2_label_asym_id' 
13 5 'Structure model' '_pdbx_struct_conn_angle.ptnr3_auth_asym_id'  
14 5 'Structure model' '_pdbx_struct_conn_angle.ptnr3_auth_comp_id'  
15 5 'Structure model' '_pdbx_struct_conn_angle.ptnr3_auth_seq_id'   
16 5 'Structure model' '_pdbx_struct_conn_angle.ptnr3_label_asym_id' 
17 5 'Structure model' '_pdbx_struct_conn_angle.ptnr3_label_atom_id' 
18 5 'Structure model' '_pdbx_struct_conn_angle.ptnr3_label_comp_id' 
19 5 'Structure model' '_pdbx_struct_conn_angle.ptnr3_label_seq_id'  
20 5 'Structure model' '_pdbx_struct_conn_angle.ptnr3_symmetry'      
21 5 'Structure model' '_pdbx_struct_conn_angle.value'               
22 5 'Structure model' '_struct_conn.pdbx_dist_value'                
23 5 'Structure model' '_struct_conn.ptnr1_auth_asym_id'             
24 5 'Structure model' '_struct_conn.ptnr1_auth_comp_id'             
25 5 'Structure model' '_struct_conn.ptnr1_auth_seq_id'              
26 5 'Structure model' '_struct_conn.ptnr1_label_asym_id'            
27 5 'Structure model' '_struct_conn.ptnr1_label_atom_id'            
28 5 'Structure model' '_struct_conn.ptnr1_label_comp_id'            
29 5 'Structure model' '_struct_conn.ptnr1_label_seq_id'             
30 5 'Structure model' '_struct_conn.ptnr1_symmetry'                 
31 5 'Structure model' '_struct_conn.ptnr2_auth_asym_id'             
32 5 'Structure model' '_struct_conn.ptnr2_auth_comp_id'             
33 5 'Structure model' '_struct_conn.ptnr2_auth_seq_id'              
34 5 'Structure model' '_struct_conn.ptnr2_label_asym_id'            
35 5 'Structure model' '_struct_conn.ptnr2_label_atom_id'            
36 5 'Structure model' '_struct_conn.ptnr2_label_comp_id'            
37 5 'Structure model' '_struct_conn.ptnr2_label_seq_id'             
38 5 'Structure model' '_struct_conn.ptnr2_symmetry'                 
39 5 'Structure model' '_struct_site.pdbx_auth_asym_id'              
40 5 'Structure model' '_struct_site.pdbx_auth_comp_id'              
41 5 'Structure model' '_struct_site.pdbx_auth_seq_id'               
# 
_pdbx_database_status.entry_id                        1ZF0 
_pdbx_database_status.deposit_site                    RCSB 
_pdbx_database_status.process_site                    RCSB 
_pdbx_database_status.recvd_initial_deposition_date   2005-04-19 
_pdbx_database_status.status_code                     REL 
_pdbx_database_status.status_code_sf                  REL 
_pdbx_database_status.status_code_mr                  ? 
_pdbx_database_status.SG_entry                        ? 
_pdbx_database_status.pdb_format_compatible           Y 
_pdbx_database_status.status_code_cs                  ? 
_pdbx_database_status.methods_development_category    ? 
_pdbx_database_status.status_code_nmr_data            ? 
# 
loop_
_pdbx_database_related.db_name 
_pdbx_database_related.db_id 
_pdbx_database_related.details 
_pdbx_database_related.content_type 
PDB 1P4Y . unspecified 
PDB 1P4Z . unspecified 
PDB 1DCW . unspecified 
PDB 1DCV . unspecified 
PDB 1ZEW . unspecified 
PDB 1ZEX . unspecified 
PDB 1ZEY . unspecified 
PDB 1ZEZ . unspecified 
PDB 1ZF1 . unspecified 
PDB 1ZF2 . unspecified 
PDB 1ZF3 . unspecified 
PDB 1ZF4 . unspecified 
PDB 1ZF5 . unspecified 
PDB 1ZF6 . unspecified 
PDB 1ZF7 . unspecified 
PDB 1ZF8 . unspecified 
PDB 1ZF9 . unspecified 
PDB 1ZFA . unspecified 
PDB 1ZFB . unspecified 
PDB 1ZFC . unspecified 
PDB 1ZFE . unspecified 
PDB 1ZFF . unspecified 
PDB 1ZFG . unspecified 
PDB 1ZFH . unspecified 
PDB 1ZFM . unspecified 
# 
loop_
_audit_author.name 
_audit_author.pdbx_ordinal 
'Hays, F.A.'      1 
'Teegarden, A.T.' 2 
'Jones, Z.J.R.'   3 
'Harms, M.'       4 
'Raup, D.'        5 
'Watson, J.'      6 
'Cavaliere, E.'   7 
'Ho, P.S.'        8 
# 
_citation.id                        primary 
_citation.title                     'How sequence defines structure: a crystallographic map of DNA structure and conformation.' 
_citation.journal_abbrev            Proc.Natl.Acad.Sci.Usa 
_citation.journal_volume            102 
_citation.page_first                7157 
_citation.page_last                 7162 
_citation.year                      2005 
_citation.journal_id_ASTM           PNASA6 
_citation.country                   US 
_citation.journal_id_ISSN           0027-8424 
_citation.journal_id_CSD            0040 
_citation.book_publisher            ? 
_citation.pdbx_database_id_PubMed   15870206 
_citation.pdbx_database_id_DOI      10.1073/pnas.0409455102 
# 
loop_
_citation_author.citation_id 
_citation_author.name 
_citation_author.ordinal 
_citation_author.identifier_ORCID 
primary 'Hays, F.A.'    1 ? 
primary 'Teegarden, A.' 2 ? 
primary 'Jones, Z.J.'   3 ? 
primary 'Harms, M.'     4 ? 
primary 'Raup, D.'      5 ? 
primary 'Watson, J.'    6 ? 
primary 'Cavaliere, E.' 7 ? 
primary 'Ho, P.S.'      8 ? 
# 
loop_
_entity.id 
_entity.type 
_entity.src_method 
_entity.pdbx_description 
_entity.formula_weight 
_entity.pdbx_number_of_molecules 
_entity.pdbx_ec 
_entity.pdbx_mutation 
_entity.pdbx_fragment 
_entity.details 
1 polymer     syn "5'-D(*CP*CP*GP*TP*TP*AP*AP*CP*GP*G)-3'" 3045.005 2   ? ? ? ? 
2 non-polymer syn 'CALCIUM ION'                            40.078   4   ? ? ? ? 
3 water       nat water                                    18.015   162 ? ? ? ? 
# 
_entity_poly.entity_id                      1 
_entity_poly.type                           polydeoxyribonucleotide 
_entity_poly.nstd_linkage                   no 
_entity_poly.nstd_monomer                   no 
_entity_poly.pdbx_seq_one_letter_code       '(DC)(DC)(DG)(DT)(DT)(DA)(DA)(DC)(DG)(DG)' 
_entity_poly.pdbx_seq_one_letter_code_can   CCGTTAACGG 
_entity_poly.pdbx_strand_id                 A,B 
_entity_poly.pdbx_target_identifier         ? 
# 
loop_
_pdbx_entity_nonpoly.entity_id 
_pdbx_entity_nonpoly.name 
_pdbx_entity_nonpoly.comp_id 
2 'CALCIUM ION' CA  
3 water         HOH 
# 
loop_
_entity_poly_seq.entity_id 
_entity_poly_seq.num 
_entity_poly_seq.mon_id 
_entity_poly_seq.hetero 
1 1  DC n 
1 2  DC n 
1 3  DG n 
1 4  DT n 
1 5  DT n 
1 6  DA n 
1 7  DA n 
1 8  DC n 
1 9  DG n 
1 10 DG n 
# 
_pdbx_entity_src_syn.entity_id              1 
_pdbx_entity_src_syn.pdbx_src_id            1 
_pdbx_entity_src_syn.pdbx_alt_source_flag   sample 
_pdbx_entity_src_syn.pdbx_beg_seq_num       ? 
_pdbx_entity_src_syn.pdbx_end_seq_num       ? 
_pdbx_entity_src_syn.organism_scientific    ? 
_pdbx_entity_src_syn.organism_common_name   ? 
_pdbx_entity_src_syn.ncbi_taxonomy_id       ? 
_pdbx_entity_src_syn.details                
;DNA WAS SYNTHESIZED ON AN APPLIED BIOSYSTEMS DNA SYNTHESIZER USING PHOSPHORAMIDITE CHEMISTRY, WITH THE TRITYL-PROTECTING GROUP LEFT INTACT AT THE 5'-TERMINAL NUCLEOTIDE THEN DEPROTECTED BY TREATMENT WITH 3% ACETIC ACID FOR FIFTEEN MINUTES, NEUTRALIZED WITH AMMONIUM HYDROXIDE, AND DESALTED ON A SIGMA G-25 SEPHADEX COLUMN.
;
# 
loop_
_chem_comp.id 
_chem_comp.type 
_chem_comp.mon_nstd_flag 
_chem_comp.name 
_chem_comp.pdbx_synonyms 
_chem_comp.formula 
_chem_comp.formula_weight 
CA  non-polymer   . 'CALCIUM ION'                        ? 'Ca 2'            40.078  
DA  'DNA linking' y "2'-DEOXYADENOSINE-5'-MONOPHOSPHATE" ? 'C10 H14 N5 O6 P' 331.222 
DC  'DNA linking' y "2'-DEOXYCYTIDINE-5'-MONOPHOSPHATE"  ? 'C9 H14 N3 O7 P'  307.197 
DG  'DNA linking' y "2'-DEOXYGUANOSINE-5'-MONOPHOSPHATE" ? 'C10 H14 N5 O7 P' 347.221 
DT  'DNA linking' y "THYMIDINE-5'-MONOPHOSPHATE"         ? 'C10 H15 N2 O8 P' 322.208 
HOH non-polymer   . WATER                                ? 'H2 O'            18.015  
# 
loop_
_pdbx_poly_seq_scheme.asym_id 
_pdbx_poly_seq_scheme.entity_id 
_pdbx_poly_seq_scheme.seq_id 
_pdbx_poly_seq_scheme.mon_id 
_pdbx_poly_seq_scheme.ndb_seq_num 
_pdbx_poly_seq_scheme.pdb_seq_num 
_pdbx_poly_seq_scheme.auth_seq_num 
_pdbx_poly_seq_scheme.pdb_mon_id 
_pdbx_poly_seq_scheme.auth_mon_id 
_pdbx_poly_seq_scheme.pdb_strand_id 
_pdbx_poly_seq_scheme.pdb_ins_code 
_pdbx_poly_seq_scheme.hetero 
A 1 1  DC 1  1  1  DC C A . n 
A 1 2  DC 2  2  2  DC C A . n 
A 1 3  DG 3  3  3  DG G A . n 
A 1 4  DT 4  4  4  DT T A . n 
A 1 5  DT 5  5  5  DT T A . n 
A 1 6  DA 6  6  6  DA A A . n 
A 1 7  DA 7  7  7  DA A A . n 
A 1 8  DC 8  8  8  DC C A . n 
A 1 9  DG 9  9  9  DG G A . n 
A 1 10 DG 10 10 10 DG G A . n 
B 1 1  DC 1  11 11 DC C B . n 
B 1 2  DC 2  12 12 DC C B . n 
B 1 3  DG 3  13 13 DG G B . n 
B 1 4  DT 4  14 14 DT T B . n 
B 1 5  DT 5  15 15 DT T B . n 
B 1 6  DA 6  16 16 DA A B . n 
B 1 7  DA 7  17 17 DA A B . n 
B 1 8  DC 8  18 18 DC C B . n 
B 1 9  DG 9  19 19 DG G B . n 
B 1 10 DG 10 20 20 DG G B . n 
# 
loop_
_pdbx_nonpoly_scheme.asym_id 
_pdbx_nonpoly_scheme.entity_id 
_pdbx_nonpoly_scheme.mon_id 
_pdbx_nonpoly_scheme.ndb_seq_num 
_pdbx_nonpoly_scheme.pdb_seq_num 
_pdbx_nonpoly_scheme.auth_seq_num 
_pdbx_nonpoly_scheme.pdb_mon_id 
_pdbx_nonpoly_scheme.auth_mon_id 
_pdbx_nonpoly_scheme.pdb_strand_id 
_pdbx_nonpoly_scheme.pdb_ins_code 
C 2 CA  1  21  21  CA  CA  A . 
D 2 CA  1  30  30  CA  CA  A . 
E 2 CA  1  25  25  CA  CA  B . 
F 2 CA  1  49  49  CA  CA  B . 
G 3 HOH 1  22  22  HOH HOH A . 
G 3 HOH 2  23  23  HOH HOH A . 
G 3 HOH 3  27  27  HOH HOH A . 
G 3 HOH 4  28  28  HOH HOH A . 
G 3 HOH 5  29  29  HOH HOH A . 
G 3 HOH 6  31  31  HOH HOH A . 
G 3 HOH 7  32  32  HOH HOH A . 
G 3 HOH 8  38  38  HOH HOH A . 
G 3 HOH 9  42  42  HOH HOH A . 
G 3 HOH 10 45  45  HOH HOH A . 
G 3 HOH 11 47  47  HOH HOH A . 
G 3 HOH 12 51  51  HOH HOH A . 
G 3 HOH 13 54  54  HOH HOH A . 
G 3 HOH 14 55  55  HOH HOH A . 
G 3 HOH 15 56  56  HOH HOH A . 
G 3 HOH 16 63  63  HOH HOH A . 
G 3 HOH 17 64  64  HOH HOH A . 
G 3 HOH 18 65  65  HOH HOH A . 
G 3 HOH 19 67  67  HOH HOH A . 
G 3 HOH 20 70  70  HOH HOH A . 
G 3 HOH 21 73  73  HOH HOH A . 
G 3 HOH 22 74  74  HOH HOH A . 
G 3 HOH 23 75  75  HOH HOH A . 
G 3 HOH 24 77  77  HOH HOH A . 
G 3 HOH 25 79  79  HOH HOH A . 
G 3 HOH 26 84  84  HOH HOH A . 
G 3 HOH 27 85  85  HOH HOH A . 
G 3 HOH 28 86  86  HOH HOH A . 
G 3 HOH 29 87  87  HOH HOH A . 
G 3 HOH 30 88  88  HOH HOH A . 
G 3 HOH 31 89  89  HOH HOH A . 
G 3 HOH 32 91  91  HOH HOH A . 
G 3 HOH 33 95  95  HOH HOH A . 
G 3 HOH 34 99  99  HOH HOH A . 
G 3 HOH 35 100 100 HOH HOH A . 
G 3 HOH 36 104 104 HOH HOH A . 
G 3 HOH 37 106 106 HOH HOH A . 
G 3 HOH 38 109 109 HOH HOH A . 
G 3 HOH 39 110 110 HOH HOH A . 
G 3 HOH 40 112 112 HOH HOH A . 
G 3 HOH 41 113 113 HOH HOH A . 
G 3 HOH 42 115 115 HOH HOH A . 
G 3 HOH 43 116 116 HOH HOH A . 
G 3 HOH 44 117 117 HOH HOH A . 
G 3 HOH 45 119 119 HOH HOH A . 
G 3 HOH 46 120 120 HOH HOH A . 
G 3 HOH 47 122 122 HOH HOH A . 
G 3 HOH 48 124 124 HOH HOH A . 
G 3 HOH 49 126 126 HOH HOH A . 
G 3 HOH 50 129 129 HOH HOH A . 
G 3 HOH 51 131 131 HOH HOH A . 
G 3 HOH 52 132 132 HOH HOH A . 
G 3 HOH 53 137 137 HOH HOH A . 
G 3 HOH 54 139 139 HOH HOH A . 
G 3 HOH 55 146 146 HOH HOH A . 
G 3 HOH 56 149 149 HOH HOH A . 
G 3 HOH 57 150 150 HOH HOH A . 
G 3 HOH 58 153 153 HOH HOH A . 
G 3 HOH 59 154 154 HOH HOH A . 
G 3 HOH 60 157 157 HOH HOH A . 
G 3 HOH 61 158 158 HOH HOH A . 
G 3 HOH 62 159 159 HOH HOH A . 
G 3 HOH 63 160 160 HOH HOH A . 
G 3 HOH 64 170 170 HOH HOH A . 
G 3 HOH 65 171 171 HOH HOH A . 
G 3 HOH 66 174 174 HOH HOH A . 
G 3 HOH 67 175 175 HOH HOH A . 
G 3 HOH 68 176 176 HOH HOH A . 
G 3 HOH 69 177 177 HOH HOH A . 
G 3 HOH 70 179 179 HOH HOH A . 
G 3 HOH 71 180 180 HOH HOH A . 
G 3 HOH 72 183 183 HOH HOH A . 
G 3 HOH 73 184 184 HOH HOH A . 
H 3 HOH 1  24  24  HOH HOH B . 
H 3 HOH 2  26  26  HOH HOH B . 
H 3 HOH 3  33  33  HOH HOH B . 
H 3 HOH 4  34  34  HOH HOH B . 
H 3 HOH 5  35  35  HOH HOH B . 
H 3 HOH 6  36  36  HOH HOH B . 
H 3 HOH 7  37  37  HOH HOH B . 
H 3 HOH 8  39  39  HOH HOH B . 
H 3 HOH 9  40  40  HOH HOH B . 
H 3 HOH 10 41  41  HOH HOH B . 
H 3 HOH 11 43  43  HOH HOH B . 
H 3 HOH 12 44  44  HOH HOH B . 
H 3 HOH 13 46  46  HOH HOH B . 
H 3 HOH 14 48  48  HOH HOH B . 
H 3 HOH 15 50  50  HOH HOH B . 
H 3 HOH 16 52  52  HOH HOH B . 
H 3 HOH 17 53  53  HOH HOH B . 
H 3 HOH 18 57  57  HOH HOH B . 
H 3 HOH 19 58  58  HOH HOH B . 
H 3 HOH 20 59  59  HOH HOH B . 
H 3 HOH 21 60  60  HOH HOH B . 
H 3 HOH 22 61  61  HOH HOH B . 
H 3 HOH 23 62  62  HOH HOH B . 
H 3 HOH 24 66  66  HOH HOH B . 
H 3 HOH 25 68  68  HOH HOH B . 
H 3 HOH 26 69  69  HOH HOH B . 
H 3 HOH 27 71  71  HOH HOH B . 
H 3 HOH 28 72  72  HOH HOH B . 
H 3 HOH 29 76  76  HOH HOH B . 
H 3 HOH 30 78  78  HOH HOH B . 
H 3 HOH 31 80  80  HOH HOH B . 
H 3 HOH 32 81  81  HOH HOH B . 
H 3 HOH 33 82  82  HOH HOH B . 
H 3 HOH 34 83  83  HOH HOH B . 
H 3 HOH 35 90  90  HOH HOH B . 
H 3 HOH 36 92  92  HOH HOH B . 
H 3 HOH 37 93  93  HOH HOH B . 
H 3 HOH 38 94  94  HOH HOH B . 
H 3 HOH 39 96  96  HOH HOH B . 
H 3 HOH 40 97  97  HOH HOH B . 
H 3 HOH 41 98  98  HOH HOH B . 
H 3 HOH 42 101 101 HOH HOH B . 
H 3 HOH 43 102 102 HOH HOH B . 
H 3 HOH 44 103 103 HOH HOH B . 
H 3 HOH 45 105 105 HOH HOH B . 
H 3 HOH 46 107 107 HOH HOH B . 
H 3 HOH 47 108 108 HOH HOH B . 
H 3 HOH 48 111 111 HOH HOH B . 
H 3 HOH 49 114 114 HOH HOH B . 
H 3 HOH 50 118 118 HOH HOH B . 
H 3 HOH 51 121 121 HOH HOH B . 
H 3 HOH 52 123 123 HOH HOH B . 
H 3 HOH 53 125 125 HOH HOH B . 
H 3 HOH 54 127 127 HOH HOH B . 
H 3 HOH 55 128 128 HOH HOH B . 
H 3 HOH 56 130 130 HOH HOH B . 
H 3 HOH 57 133 133 HOH HOH B . 
H 3 HOH 58 134 134 HOH HOH B . 
H 3 HOH 59 135 135 HOH HOH B . 
H 3 HOH 60 136 136 HOH HOH B . 
H 3 HOH 61 138 138 HOH HOH B . 
H 3 HOH 62 140 140 HOH HOH B . 
H 3 HOH 63 141 141 HOH HOH B . 
H 3 HOH 64 142 142 HOH HOH B . 
H 3 HOH 65 143 143 HOH HOH B . 
H 3 HOH 66 144 144 HOH HOH B . 
H 3 HOH 67 145 145 HOH HOH B . 
H 3 HOH 68 147 147 HOH HOH B . 
H 3 HOH 69 148 148 HOH HOH B . 
H 3 HOH 70 151 151 HOH HOH B . 
H 3 HOH 71 152 152 HOH HOH B . 
H 3 HOH 72 155 155 HOH HOH B . 
H 3 HOH 73 156 156 HOH HOH B . 
H 3 HOH 74 161 161 HOH HOH B . 
H 3 HOH 75 162 162 HOH HOH B . 
H 3 HOH 76 163 163 HOH HOH B . 
H 3 HOH 77 164 164 HOH HOH B . 
H 3 HOH 78 165 165 HOH HOH B . 
H 3 HOH 79 166 166 HOH HOH B . 
H 3 HOH 80 167 167 HOH HOH B . 
H 3 HOH 81 168 168 HOH HOH B . 
H 3 HOH 82 169 169 HOH HOH B . 
H 3 HOH 83 172 172 HOH HOH B . 
H 3 HOH 84 173 173 HOH HOH B . 
H 3 HOH 85 178 178 HOH HOH B . 
H 3 HOH 86 181 181 HOH HOH B . 
H 3 HOH 87 182 182 HOH HOH B . 
H 3 HOH 88 185 185 HOH HOH B . 
H 3 HOH 89 186 186 HOH HOH B . 
# 
loop_
_software.name 
_software.version 
_software.date 
_software.type 
_software.contact_author 
_software.contact_author_email 
_software.classification 
_software.location 
_software.language 
_software.citation_id 
_software.pdbx_ordinal 
DENZO     .   ? package 'Zbyszek Otwinowski' zbyszek@mix.swmed.edu 'data reduction' 
http://www.lnls.br/infra/linhasluz/denzo-hkl.htm ?          ? 1 
SCALEPACK .   ? package 'Zbyszek Otwinowski' zbyszek@mix.swmed.edu 'data scaling'   
http://www.lnls.br/infra/linhasluz/denzo-hkl.htm ?          ? 2 
CNS       1.1 ? package 'Axel T. Brunger'    axel.brunger@yale.edu refinement       http://cns.csb.yale.edu/v1.1/ Fortran_77 ? 3 
EPMR      .   ? ?       ?                    ?                     phasing          ? ?          ? 4 
# 
_cell.entry_id           1ZF0 
_cell.length_a           33.290 
_cell.length_b           33.290 
_cell.length_c           93.620 
_cell.angle_alpha        90.00 
_cell.angle_beta         90.00 
_cell.angle_gamma        120.00 
_cell.Z_PDB              12 
_cell.pdbx_unique_axis   ? 
# 
_symmetry.entry_id                         1ZF0 
_symmetry.space_group_name_H-M             'P 32 2 1' 
_symmetry.pdbx_full_space_group_name_H-M   ? 
_symmetry.cell_setting                     ? 
_symmetry.Int_Tables_number                154 
_symmetry.space_group_name_Hall            ? 
# 
_exptl.entry_id          1ZF0 
_exptl.method            'X-RAY DIFFRACTION' 
_exptl.crystals_number   1 
# 
_exptl_crystal.id                    1 
_exptl_crystal.density_meas          ? 
_exptl_crystal.density_Matthews      2.46 
_exptl_crystal.density_percent_sol   49.98 
_exptl_crystal.description           ? 
_exptl_crystal.F_000                 ? 
_exptl_crystal.preparation           ? 
# 
_exptl_crystal_grow.crystal_id      1 
_exptl_crystal_grow.method          ? 
_exptl_crystal_grow.temp            298 
_exptl_crystal_grow.temp_details    ? 
_exptl_crystal_grow.pH              7.00 
_exptl_crystal_grow.pdbx_details    
'Na Cacodylate, CaCl2, Spermine, MPD in resevoir, pH 7.0, VAPOR DIFFUSION, SITTING DROP, temperature 298K, pH 7.00' 
_exptl_crystal_grow.pdbx_pH_range   . 
# 
loop_
_exptl_crystal_grow_comp.crystal_id 
_exptl_crystal_grow_comp.id 
_exptl_crystal_grow_comp.sol_id 
_exptl_crystal_grow_comp.name 
_exptl_crystal_grow_comp.conc 
_exptl_crystal_grow_comp.volume 
_exptl_crystal_grow_comp.details 
1 1 1 'Na Cacodylate' ? ? ? 
1 2 1 CaCl2           ? ? ? 
1 3 1 Spermine        ? ? ? 
1 4 1 MPD             ? ? ? 
1 5 1 H2O             ? ? ? 
1 6 2 'Na Cacodylate' ? ? ? 
1 7 2 CaCl2           ? ? ? 
1 8 2 MPD             ? ? ? 
1 9 2 H2O             ? ? ? 
# 
_diffrn.id                     1 
_diffrn.ambient_temp           103.0 
_diffrn.ambient_temp_details   ? 
_diffrn.crystal_id             1 
# 
_diffrn_detector.diffrn_id              1 
_diffrn_detector.detector               'IMAGE PLATE' 
_diffrn_detector.type                   'RIGAKU RAXIS IV' 
_diffrn_detector.pdbx_collection_date   2003-02-16 
_diffrn_detector.details                ? 
# 
_diffrn_radiation.diffrn_id                        1 
_diffrn_radiation.wavelength_id                    1 
_diffrn_radiation.pdbx_monochromatic_or_laue_m_l   M 
_diffrn_radiation.monochromator                    ? 
_diffrn_radiation.pdbx_diffrn_protocol             'SINGLE WAVELENGTH' 
_diffrn_radiation.pdbx_scattering_type             x-ray 
# 
_diffrn_radiation_wavelength.id           1 
_diffrn_radiation_wavelength.wavelength   1.542 
_diffrn_radiation_wavelength.wt           1.0 
# 
_diffrn_source.diffrn_id                   1 
_diffrn_source.source                      'ROTATING ANODE' 
_diffrn_source.type                        'RIGAKU RUH3R' 
_diffrn_source.pdbx_synchrotron_site       ? 
_diffrn_source.pdbx_synchrotron_beamline   ? 
_diffrn_source.pdbx_wavelength             1.542 
_diffrn_source.pdbx_wavelength_list        ? 
# 
_reflns.entry_id                     1ZF0 
_reflns.observed_criterion_sigma_I   2.000 
_reflns.observed_criterion_sigma_F   ? 
_reflns.d_resolution_low             27.600 
_reflns.d_resolution_high            1.500 
_reflns.number_obs                   7561 
_reflns.number_all                   ? 
_reflns.percent_possible_obs         67.6 
_reflns.pdbx_Rmerge_I_obs            ? 
_reflns.pdbx_Rsym_value              0.079 
_reflns.pdbx_netI_over_sigmaI        ? 
_reflns.B_iso_Wilson_estimate        4.5 
_reflns.pdbx_redundancy              ? 
_reflns.R_free_details               ? 
_reflns.pdbx_chi_squared             ? 
_reflns.pdbx_scaling_rejects         ? 
_reflns.pdbx_diffrn_id               1 
_reflns.pdbx_ordinal                 1 
# 
_reflns_shell.d_res_high             1.50 
_reflns_shell.d_res_low              1.55 
_reflns_shell.percent_possible_all   43.9 
_reflns_shell.Rmerge_I_obs           ? 
_reflns_shell.pdbx_Rsym_value        0.129 
_reflns_shell.meanI_over_sigI_obs    3.630 
_reflns_shell.pdbx_redundancy        ? 
_reflns_shell.percent_possible_obs   ? 
_reflns_shell.number_unique_all      ? 
_reflns_shell.number_measured_all    ? 
_reflns_shell.number_measured_obs    ? 
_reflns_shell.number_unique_obs      ? 
_reflns_shell.pdbx_chi_squared       ? 
_reflns_shell.pdbx_diffrn_id         ? 
_reflns_shell.pdbx_ordinal           1 
# 
_refine.entry_id                                 1ZF0 
_refine.ls_number_reflns_obs                     7541 
_refine.ls_number_reflns_all                     ? 
_refine.pdbx_ls_sigma_I                          ? 
_refine.pdbx_ls_sigma_F                          0.000 
_refine.pdbx_data_cutoff_high_absF               54214.48 
_refine.pdbx_data_cutoff_low_absF                0.00 
_refine.pdbx_data_cutoff_high_rms_absF           ? 
_refine.ls_d_res_low                             18.17 
_refine.ls_d_res_high                            1.50 
_refine.ls_percent_reflns_obs                    73.8 
_refine.ls_R_factor_obs                          0.253 
_refine.ls_R_factor_all                          ? 
_refine.ls_R_factor_R_work                       0.253 
_refine.ls_R_factor_R_free                       0.258 
_refine.ls_R_factor_R_free_error                 0.009 
_refine.ls_R_factor_R_free_error_details         ? 
_refine.ls_percent_reflns_R_free                 10.7 
_refine.ls_number_reflns_R_free                  806 
_refine.ls_number_parameters                     ? 
_refine.ls_number_restraints                     ? 
_refine.occupancy_min                            ? 
_refine.occupancy_max                            ? 
_refine.correlation_coeff_Fo_to_Fc               ? 
_refine.correlation_coeff_Fo_to_Fc_free          ? 
_refine.B_iso_mean                               3.62 
_refine.aniso_B[1][1]                            0.14400 
_refine.aniso_B[2][2]                            0.14400 
_refine.aniso_B[3][3]                            -0.28800 
_refine.aniso_B[1][2]                            -0.93100 
_refine.aniso_B[1][3]                            0.00000 
_refine.aniso_B[2][3]                            0.00000 
_refine.solvent_model_details                    ? 
_refine.solvent_model_param_ksol                 ? 
_refine.solvent_model_param_bsol                 65.24 
_refine.pdbx_solvent_vdw_probe_radii             ? 
_refine.pdbx_solvent_ion_probe_radii             ? 
_refine.pdbx_solvent_shrinkage_radii             ? 
_refine.pdbx_ls_cross_valid_method               THROUGHOUT 
_refine.details                                  
'STRUCTURE IS NOT FULLY REFINED TO ITS LOWEST R VALUES. PLEASE REFER TO THE CITED ARTICLE ABOVE FOR MORE INFORMATION.' 
_refine.pdbx_starting_model                      'NDB ENTRY BDJ055' 
_refine.pdbx_method_to_determine_struct          'MOLECULAR REPLACEMENT' 
_refine.pdbx_isotropic_thermal_model             RESTRAINED 
_refine.pdbx_stereochemistry_target_values       'MAXIMUM LIKELIHOOD' 
_refine.pdbx_stereochem_target_val_spec_case     ? 
_refine.pdbx_R_Free_selection_details            RANDOM 
_refine.pdbx_overall_ESU_R                       ? 
_refine.pdbx_overall_ESU_R_Free                  ? 
_refine.overall_SU_ML                            ? 
_refine.overall_SU_B                             ? 
_refine.ls_redundancy_reflns_obs                 ? 
_refine.overall_SU_R_Cruickshank_DPI             ? 
_refine.overall_SU_R_free                        ? 
_refine.ls_wR_factor_R_free                      ? 
_refine.ls_wR_factor_R_work                      ? 
_refine.overall_FOM_free_R_set                   ? 
_refine.overall_FOM_work_R_set                   ? 
_refine.pdbx_refine_id                           'X-RAY DIFFRACTION' 
_refine.pdbx_diffrn_id                           1 
_refine.pdbx_TLS_residual_ADP_flag               ? 
_refine.pdbx_overall_phase_error                 ? 
_refine.pdbx_overall_SU_R_free_Cruickshank_DPI   ? 
_refine.pdbx_overall_SU_R_Blow_DPI               ? 
_refine.pdbx_overall_SU_R_free_Blow_DPI          ? 
# 
_refine_analyze.entry_id                        1ZF0 
_refine_analyze.Luzzati_coordinate_error_obs    0.21 
_refine_analyze.Luzzati_sigma_a_obs             0.10 
_refine_analyze.Luzzati_d_res_low_obs           5.00 
_refine_analyze.Luzzati_coordinate_error_free   0.25 
_refine_analyze.Luzzati_sigma_a_free            0.17 
_refine_analyze.Luzzati_d_res_low_free          ? 
_refine_analyze.number_disordered_residues      ? 
_refine_analyze.occupancy_sum_hydrogen          ? 
_refine_analyze.occupancy_sum_non_hydrogen      ? 
_refine_analyze.pdbx_refine_id                  'X-RAY DIFFRACTION' 
# 
_refine_hist.pdbx_refine_id                   'X-RAY DIFFRACTION' 
_refine_hist.cycle_id                         LAST 
_refine_hist.pdbx_number_atoms_protein        0 
_refine_hist.pdbx_number_atoms_nucleic_acid   404 
_refine_hist.pdbx_number_atoms_ligand         4 
_refine_hist.number_atoms_solvent             162 
_refine_hist.number_atoms_total               570 
_refine_hist.d_res_high                       1.50 
_refine_hist.d_res_low                        18.17 
# 
loop_
_refine_ls_restr.type 
_refine_ls_restr.dev_ideal 
_refine_ls_restr.dev_ideal_target 
_refine_ls_restr.weight 
_refine_ls_restr.number 
_refine_ls_restr.pdbx_refine_id 
_refine_ls_restr.pdbx_restraint_function 
c_bond_d                0.004 ?     ? ? 'X-RAY DIFFRACTION' ? 
c_bond_d_na             ?     ?     ? ? 'X-RAY DIFFRACTION' ? 
c_bond_d_prot           ?     ?     ? ? 'X-RAY DIFFRACTION' ? 
c_angle_d               ?     ?     ? ? 'X-RAY DIFFRACTION' ? 
c_angle_d_na            ?     ?     ? ? 'X-RAY DIFFRACTION' ? 
c_angle_d_prot          ?     ?     ? ? 'X-RAY DIFFRACTION' ? 
c_angle_deg             1.0   ?     ? ? 'X-RAY DIFFRACTION' ? 
c_angle_deg_na          ?     ?     ? ? 'X-RAY DIFFRACTION' ? 
c_angle_deg_prot        ?     ?     ? ? 'X-RAY DIFFRACTION' ? 
c_dihedral_angle_d      16.1  ?     ? ? 'X-RAY DIFFRACTION' ? 
c_dihedral_angle_d_na   ?     ?     ? ? 'X-RAY DIFFRACTION' ? 
c_dihedral_angle_d_prot ?     ?     ? ? 'X-RAY DIFFRACTION' ? 
c_improper_angle_d      1.33  ?     ? ? 'X-RAY DIFFRACTION' ? 
c_improper_angle_d_na   ?     ?     ? ? 'X-RAY DIFFRACTION' ? 
c_improper_angle_d_prot ?     ?     ? ? 'X-RAY DIFFRACTION' ? 
c_mcbond_it             2.329 ?     ? ? 'X-RAY DIFFRACTION' ? 
c_mcangle_it            2.291 0.000 ? ? 'X-RAY DIFFRACTION' ? 
c_scbond_it             ?     ?     ? ? 'X-RAY DIFFRACTION' ? 
c_scangle_it            ?     ?     ? ? 'X-RAY DIFFRACTION' ? 
# 
_refine_ls_shell.pdbx_total_number_of_bins_used   6 
_refine_ls_shell.d_res_high                       1.50 
_refine_ls_shell.d_res_low                        1.59 
_refine_ls_shell.number_reflns_R_work             740 
_refine_ls_shell.R_factor_R_work                  0.255 
_refine_ls_shell.percent_reflns_obs               49.4 
_refine_ls_shell.R_factor_R_free                  0.345 
_refine_ls_shell.R_factor_R_free_error            0.037 
_refine_ls_shell.percent_reflns_R_free            10.3 
_refine_ls_shell.number_reflns_R_free             85 
_refine_ls_shell.redundancy_reflns_obs            ? 
_refine_ls_shell.pdbx_refine_id                   'X-RAY DIFFRACTION' 
_refine_ls_shell.number_reflns_all                ? 
_refine_ls_shell.R_factor_all                     ? 
# 
loop_
_pdbx_xplor_file.serial_no 
_pdbx_xplor_file.param_file 
_pdbx_xplor_file.topol_file 
_pdbx_xplor_file.pdbx_refine_id 
1 CNS_TOPPAR:DNA-RNA_REP.PARAM CNS_TOPPAR:DNA-RNA.TOP  'X-RAY DIFFRACTION' 
2 CNS_TOPPAR:WATER_REP.PARAM   CNS_TOPPAR:DNA-RNA.LINK 'X-RAY DIFFRACTION' 
3 CNS_TOPPAR:ION.PARAM         CNS_TOPPAR:WATER.TOP    'X-RAY DIFFRACTION' 
4 ?                            CNS_TOPPAR:ION.TOP      'X-RAY DIFFRACTION' 
# 
_struct.entry_id                  1ZF0 
_struct.title                     B-DNA 
_struct.pdbx_model_details        ? 
_struct.pdbx_CASP_flag            ? 
_struct.pdbx_model_type_details   ? 
# 
_struct_keywords.text            'Crystallographic Screen, DNA Structure, Holliday Junction, Molecular Structure, DNA' 
_struct_keywords.entry_id        1ZF0 
_struct_keywords.pdbx_keywords   DNA 
# 
loop_
_struct_asym.id 
_struct_asym.pdbx_blank_PDB_chainid_flag 
_struct_asym.pdbx_modified 
_struct_asym.entity_id 
_struct_asym.details 
A N N 1 ? 
B N N 1 ? 
C N N 2 ? 
D N N 2 ? 
E N N 2 ? 
F N N 2 ? 
G N N 3 ? 
H N N 3 ? 
# 
_struct_ref.id                         1 
_struct_ref.entity_id                  1 
_struct_ref.db_name                    PDB 
_struct_ref.db_code                    1ZF0 
_struct_ref.pdbx_db_accession          1ZF0 
_struct_ref.pdbx_db_isoform            ? 
_struct_ref.pdbx_seq_one_letter_code   ? 
_struct_ref.pdbx_align_begin           ? 
# 
loop_
_struct_ref_seq.align_id 
_struct_ref_seq.ref_id 
_struct_ref_seq.pdbx_PDB_id_code 
_struct_ref_seq.pdbx_strand_id 
_struct_ref_seq.seq_align_beg 
_struct_ref_seq.pdbx_seq_align_beg_ins_code 
_struct_ref_seq.seq_align_end 
_struct_ref_seq.pdbx_seq_align_end_ins_code 
_struct_ref_seq.pdbx_db_accession 
_struct_ref_seq.db_align_beg 
_struct_ref_seq.pdbx_db_align_beg_ins_code 
_struct_ref_seq.db_align_end 
_struct_ref_seq.pdbx_db_align_end_ins_code 
_struct_ref_seq.pdbx_auth_seq_align_beg 
_struct_ref_seq.pdbx_auth_seq_align_end 
1 1 1ZF0 A 1 ? 10 ? 1ZF0 1  ? 10 ? 1  10 
2 1 1ZF0 B 1 ? 10 ? 1ZF0 11 ? 20 ? 11 20 
# 
_pdbx_struct_assembly.id                   1 
_pdbx_struct_assembly.details              author_defined_assembly 
_pdbx_struct_assembly.method_details       ? 
_pdbx_struct_assembly.oligomeric_details   dimeric 
_pdbx_struct_assembly.oligomeric_count     2 
# 
_pdbx_struct_assembly_gen.assembly_id       1 
_pdbx_struct_assembly_gen.oper_expression   1 
_pdbx_struct_assembly_gen.asym_id_list      A,B,C,D,E,F,G,H 
# 
_pdbx_struct_oper_list.id                   1 
_pdbx_struct_oper_list.type                 'identity operation' 
_pdbx_struct_oper_list.name                 1_555 
_pdbx_struct_oper_list.symmetry_operation   x,y,z 
_pdbx_struct_oper_list.matrix[1][1]         1.0000000000 
_pdbx_struct_oper_list.matrix[1][2]         0.0000000000 
_pdbx_struct_oper_list.matrix[1][3]         0.0000000000 
_pdbx_struct_oper_list.vector[1]            0.0000000000 
_pdbx_struct_oper_list.matrix[2][1]         0.0000000000 
_pdbx_struct_oper_list.matrix[2][2]         1.0000000000 
_pdbx_struct_oper_list.matrix[2][3]         0.0000000000 
_pdbx_struct_oper_list.vector[2]            0.0000000000 
_pdbx_struct_oper_list.matrix[3][1]         0.0000000000 
_pdbx_struct_oper_list.matrix[3][2]         0.0000000000 
_pdbx_struct_oper_list.matrix[3][3]         1.0000000000 
_pdbx_struct_oper_list.vector[3]            0.0000000000 
# 
_struct_biol.id                    1 
_struct_biol.pdbx_parent_biol_id   ? 
_struct_biol.details               ? 
# 
loop_
_struct_conn.id 
_struct_conn.conn_type_id 
_struct_conn.pdbx_leaving_atom_flag 
_struct_conn.pdbx_PDB_id 
_struct_conn.ptnr1_label_asym_id 
_struct_conn.ptnr1_label_comp_id 
_struct_conn.ptnr1_label_seq_id 
_struct_conn.ptnr1_label_atom_id 
_struct_conn.pdbx_ptnr1_label_alt_id 
_struct_conn.pdbx_ptnr1_PDB_ins_code 
_struct_conn.pdbx_ptnr1_standard_comp_id 
_struct_conn.ptnr1_symmetry 
_struct_conn.ptnr2_label_asym_id 
_struct_conn.ptnr2_label_comp_id 
_struct_conn.ptnr2_label_seq_id 
_struct_conn.ptnr2_label_atom_id 
_struct_conn.pdbx_ptnr2_label_alt_id 
_struct_conn.pdbx_ptnr2_PDB_ins_code 
_struct_conn.ptnr1_auth_asym_id 
_struct_conn.ptnr1_auth_comp_id 
_struct_conn.ptnr1_auth_seq_id 
_struct_conn.ptnr2_auth_asym_id 
_struct_conn.ptnr2_auth_comp_id 
_struct_conn.ptnr2_auth_seq_id 
_struct_conn.ptnr2_symmetry 
_struct_conn.pdbx_ptnr3_label_atom_id 
_struct_conn.pdbx_ptnr3_label_seq_id 
_struct_conn.pdbx_ptnr3_label_comp_id 
_struct_conn.pdbx_ptnr3_label_asym_id 
_struct_conn.pdbx_ptnr3_label_alt_id 
_struct_conn.pdbx_ptnr3_PDB_ins_code 
_struct_conn.details 
_struct_conn.pdbx_dist_value 
_struct_conn.pdbx_value_order 
_struct_conn.pdbx_role 
metalc1  metalc ? ? A DC  8  OP2 ? ? ? 1_555 D CA  .  CA ? ? A DC  8  A CA  30  1_555 ? ? ? ? ? ? ?            2.215 ? ? 
metalc2  metalc ? ? A DC  8  OP2 ? ? ? 5_675 D CA  .  CA ? ? A DC  8  A CA  30  1_555 ? ? ? ? ? ? ?            2.233 ? ? 
metalc3  metalc ? ? C CA  .  CA  ? ? ? 1_555 G HOH .  O  ? ? A CA  21 A HOH 27  1_555 ? ? ? ? ? ? ?            2.280 ? ? 
metalc4  metalc ? ? C CA  .  CA  ? ? ? 1_555 G HOH .  O  ? ? A CA  21 A HOH 112 1_555 ? ? ? ? ? ? ?            2.548 ? ? 
metalc5  metalc ? ? C CA  .  CA  ? ? ? 1_555 H HOH .  O  ? ? A CA  21 B HOH 33  1_555 ? ? ? ? ? ? ?            2.329 ? ? 
metalc6  metalc ? ? C CA  .  CA  ? ? ? 1_555 H HOH .  O  ? ? A CA  21 B HOH 34  1_555 ? ? ? ? ? ? ?            2.390 ? ? 
metalc7  metalc ? ? C CA  .  CA  ? ? ? 1_555 H HOH .  O  ? ? A CA  21 B HOH 48  1_555 ? ? ? ? ? ? ?            2.423 ? ? 
metalc8  metalc ? ? C CA  .  CA  ? ? ? 1_555 H HOH .  O  ? ? A CA  21 B HOH 76  1_555 ? ? ? ? ? ? ?            2.731 ? ? 
metalc9  metalc ? ? C CA  .  CA  ? ? ? 1_555 H HOH .  O  ? ? A CA  21 B HOH 93  5_665 ? ? ? ? ? ? ?            2.526 ? ? 
metalc10 metalc ? ? G HOH .  O   ? ? ? 1_555 F CA  .  CA ? ? A HOH 28 B CA  49  1_555 ? ? ? ? ? ? ?            2.453 ? ? 
metalc11 metalc ? ? G HOH .  O   ? ? ? 1_555 F CA  .  CA ? ? A HOH 29 B CA  49  1_555 ? ? ? ? ? ? ?            2.418 ? ? 
metalc12 metalc ? ? D CA  .  CA  ? ? ? 1_555 G HOH .  O  ? ? A CA  30 A HOH 65  1_555 ? ? ? ? ? ? ?            2.319 ? ? 
metalc13 metalc ? ? D CA  .  CA  ? ? ? 1_555 G HOH .  O  ? ? A CA  30 A HOH 65  5_675 ? ? ? ? ? ? ?            2.333 ? ? 
metalc14 metalc ? ? D CA  .  CA  ? ? ? 1_555 G HOH .  O  ? ? A CA  30 A HOH 109 1_555 ? ? ? ? ? ? ?            2.716 ? ? 
metalc15 metalc ? ? D CA  .  CA  ? ? ? 1_555 G HOH .  O  ? ? A CA  30 A HOH 109 5_675 ? ? ? ? ? ? ?            2.716 ? ? 
metalc16 metalc ? ? G HOH .  O   ? ? ? 1_555 F CA  .  CA ? ? A HOH 75 B CA  49  1_555 ? ? ? ? ? ? ?            2.320 ? ? 
metalc17 metalc ? ? G HOH .  O   ? ? ? 1_555 F CA  .  CA ? ? A HOH 86 B CA  49  1_555 ? ? ? ? ? ? ?            2.466 ? ? 
metalc18 metalc ? ? E CA  .  CA  ? ? ? 1_555 H HOH .  O  ? ? B CA  25 B HOH 44  1_555 ? ? ? ? ? ? ?            2.586 ? ? 
metalc19 metalc ? ? E CA  .  CA  ? ? ? 1_555 H HOH .  O  ? ? B CA  25 B HOH 50  1_555 ? ? ? ? ? ? ?            2.411 ? ? 
metalc20 metalc ? ? E CA  .  CA  ? ? ? 1_555 H HOH .  O  ? ? B CA  25 B HOH 108 1_555 ? ? ? ? ? ? ?            2.247 ? ? 
metalc21 metalc ? ? H HOH .  O   ? ? ? 1_555 F CA  .  CA ? ? B HOH 46 B CA  49  1_555 ? ? ? ? ? ? ?            2.636 ? ? 
metalc22 metalc ? ? F CA  .  CA  ? ? ? 1_555 H HOH .  O  ? ? B CA  49 B HOH 60  1_555 ? ? ? ? ? ? ?            2.315 ? ? 
hydrog1  hydrog ? ? A DC  1  N3  ? ? ? 1_555 B DG  10 N1 ? ? A DC  1  B DG  20  1_555 ? ? ? ? ? ? WATSON-CRICK ?     ? ? 
hydrog2  hydrog ? ? A DC  1  N4  ? ? ? 1_555 B DG  10 O6 ? ? A DC  1  B DG  20  1_555 ? ? ? ? ? ? WATSON-CRICK ?     ? ? 
hydrog3  hydrog ? ? A DC  1  O2  ? ? ? 1_555 B DG  10 N2 ? ? A DC  1  B DG  20  1_555 ? ? ? ? ? ? WATSON-CRICK ?     ? ? 
hydrog4  hydrog ? ? A DC  2  N3  ? ? ? 1_555 B DG  9  N1 ? ? A DC  2  B DG  19  1_555 ? ? ? ? ? ? WATSON-CRICK ?     ? ? 
hydrog5  hydrog ? ? A DC  2  N4  ? ? ? 1_555 B DG  9  O6 ? ? A DC  2  B DG  19  1_555 ? ? ? ? ? ? WATSON-CRICK ?     ? ? 
hydrog6  hydrog ? ? A DC  2  O2  ? ? ? 1_555 B DG  9  N2 ? ? A DC  2  B DG  19  1_555 ? ? ? ? ? ? WATSON-CRICK ?     ? ? 
hydrog7  hydrog ? ? A DG  3  N1  ? ? ? 1_555 B DC  8  N3 ? ? A DG  3  B DC  18  1_555 ? ? ? ? ? ? WATSON-CRICK ?     ? ? 
hydrog8  hydrog ? ? A DG  3  N2  ? ? ? 1_555 B DC  8  O2 ? ? A DG  3  B DC  18  1_555 ? ? ? ? ? ? WATSON-CRICK ?     ? ? 
hydrog9  hydrog ? ? A DG  3  O6  ? ? ? 1_555 B DC  8  N4 ? ? A DG  3  B DC  18  1_555 ? ? ? ? ? ? WATSON-CRICK ?     ? ? 
hydrog10 hydrog ? ? A DT  4  N3  ? ? ? 1_555 B DA  7  N1 ? ? A DT  4  B DA  17  1_555 ? ? ? ? ? ? WATSON-CRICK ?     ? ? 
hydrog11 hydrog ? ? A DT  4  O4  ? ? ? 1_555 B DA  7  N6 ? ? A DT  4  B DA  17  1_555 ? ? ? ? ? ? WATSON-CRICK ?     ? ? 
hydrog12 hydrog ? ? A DT  5  N3  ? ? ? 1_555 B DA  6  N1 ? ? A DT  5  B DA  16  1_555 ? ? ? ? ? ? WATSON-CRICK ?     ? ? 
hydrog13 hydrog ? ? A DT  5  O4  ? ? ? 1_555 B DA  6  N6 ? ? A DT  5  B DA  16  1_555 ? ? ? ? ? ? WATSON-CRICK ?     ? ? 
hydrog14 hydrog ? ? A DA  6  N1  ? ? ? 1_555 B DT  5  N3 ? ? A DA  6  B DT  15  1_555 ? ? ? ? ? ? WATSON-CRICK ?     ? ? 
hydrog15 hydrog ? ? A DA  6  N6  ? ? ? 1_555 B DT  5  O4 ? ? A DA  6  B DT  15  1_555 ? ? ? ? ? ? WATSON-CRICK ?     ? ? 
hydrog16 hydrog ? ? A DA  7  N1  ? ? ? 1_555 B DT  4  N3 ? ? A DA  7  B DT  14  1_555 ? ? ? ? ? ? WATSON-CRICK ?     ? ? 
hydrog17 hydrog ? ? A DA  7  N6  ? ? ? 1_555 B DT  4  O4 ? ? A DA  7  B DT  14  1_555 ? ? ? ? ? ? WATSON-CRICK ?     ? ? 
hydrog18 hydrog ? ? A DC  8  N3  ? ? ? 1_555 B DG  3  N1 ? ? A DC  8  B DG  13  1_555 ? ? ? ? ? ? WATSON-CRICK ?     ? ? 
hydrog19 hydrog ? ? A DC  8  N4  ? ? ? 1_555 B DG  3  O6 ? ? A DC  8  B DG  13  1_555 ? ? ? ? ? ? WATSON-CRICK ?     ? ? 
hydrog20 hydrog ? ? A DC  8  O2  ? ? ? 1_555 B DG  3  N2 ? ? A DC  8  B DG  13  1_555 ? ? ? ? ? ? WATSON-CRICK ?     ? ? 
hydrog21 hydrog ? ? A DG  9  N1  ? ? ? 1_555 B DC  2  N3 ? ? A DG  9  B DC  12  1_555 ? ? ? ? ? ? WATSON-CRICK ?     ? ? 
hydrog22 hydrog ? ? A DG  9  N2  ? ? ? 1_555 B DC  2  O2 ? ? A DG  9  B DC  12  1_555 ? ? ? ? ? ? WATSON-CRICK ?     ? ? 
hydrog23 hydrog ? ? A DG  9  O6  ? ? ? 1_555 B DC  2  N4 ? ? A DG  9  B DC  12  1_555 ? ? ? ? ? ? WATSON-CRICK ?     ? ? 
hydrog24 hydrog ? ? A DG  10 N1  ? ? ? 1_555 B DC  1  N3 ? ? A DG  10 B DC  11  1_555 ? ? ? ? ? ? WATSON-CRICK ?     ? ? 
hydrog25 hydrog ? ? A DG  10 N2  ? ? ? 1_555 B DC  1  O2 ? ? A DG  10 B DC  11  1_555 ? ? ? ? ? ? WATSON-CRICK ?     ? ? 
hydrog26 hydrog ? ? A DG  10 O6  ? ? ? 1_555 B DC  1  N4 ? ? A DG  10 B DC  11  1_555 ? ? ? ? ? ? WATSON-CRICK ?     ? ? 
# 
loop_
_struct_conn_type.id 
_struct_conn_type.criteria 
_struct_conn_type.reference 
metalc ? ? 
hydrog ? ? 
# 
loop_
_pdbx_struct_conn_angle.id 
_pdbx_struct_conn_angle.ptnr1_label_atom_id 
_pdbx_struct_conn_angle.ptnr1_label_alt_id 
_pdbx_struct_conn_angle.ptnr1_label_asym_id 
_pdbx_struct_conn_angle.ptnr1_label_comp_id 
_pdbx_struct_conn_angle.ptnr1_label_seq_id 
_pdbx_struct_conn_angle.ptnr1_auth_atom_id 
_pdbx_struct_conn_angle.ptnr1_auth_asym_id 
_pdbx_struct_conn_angle.ptnr1_auth_comp_id 
_pdbx_struct_conn_angle.ptnr1_auth_seq_id 
_pdbx_struct_conn_angle.ptnr1_PDB_ins_code 
_pdbx_struct_conn_angle.ptnr1_symmetry 
_pdbx_struct_conn_angle.ptnr2_label_atom_id 
_pdbx_struct_conn_angle.ptnr2_label_alt_id 
_pdbx_struct_conn_angle.ptnr2_label_asym_id 
_pdbx_struct_conn_angle.ptnr2_label_comp_id 
_pdbx_struct_conn_angle.ptnr2_label_seq_id 
_pdbx_struct_conn_angle.ptnr2_auth_atom_id 
_pdbx_struct_conn_angle.ptnr2_auth_asym_id 
_pdbx_struct_conn_angle.ptnr2_auth_comp_id 
_pdbx_struct_conn_angle.ptnr2_auth_seq_id 
_pdbx_struct_conn_angle.ptnr2_PDB_ins_code 
_pdbx_struct_conn_angle.ptnr2_symmetry 
_pdbx_struct_conn_angle.ptnr3_label_atom_id 
_pdbx_struct_conn_angle.ptnr3_label_alt_id 
_pdbx_struct_conn_angle.ptnr3_label_asym_id 
_pdbx_struct_conn_angle.ptnr3_label_comp_id 
_pdbx_struct_conn_angle.ptnr3_label_seq_id 
_pdbx_struct_conn_angle.ptnr3_auth_atom_id 
_pdbx_struct_conn_angle.ptnr3_auth_asym_id 
_pdbx_struct_conn_angle.ptnr3_auth_comp_id 
_pdbx_struct_conn_angle.ptnr3_auth_seq_id 
_pdbx_struct_conn_angle.ptnr3_PDB_ins_code 
_pdbx_struct_conn_angle.ptnr3_symmetry 
_pdbx_struct_conn_angle.value 
_pdbx_struct_conn_angle.value_esd 
1  OP2 ? A DC  8 ? A DC  8   ? 1_555 CA ? D CA . ? A CA 30 ? 1_555 OP2 ? A DC  8 ? A DC  8   ? 5_675 177.7 ? 
2  OP2 ? A DC  8 ? A DC  8   ? 1_555 CA ? D CA . ? A CA 30 ? 1_555 O   ? G HOH . ? A HOH 65  ? 1_555 94.5  ? 
3  OP2 ? A DC  8 ? A DC  8   ? 5_675 CA ? D CA . ? A CA 30 ? 1_555 O   ? G HOH . ? A HOH 65  ? 1_555 87.5  ? 
4  OP2 ? A DC  8 ? A DC  8   ? 1_555 CA ? D CA . ? A CA 30 ? 1_555 O   ? G HOH . ? A HOH 65  ? 5_675 87.6  ? 
5  OP2 ? A DC  8 ? A DC  8   ? 5_675 CA ? D CA . ? A CA 30 ? 1_555 O   ? G HOH . ? A HOH 65  ? 5_675 93.6  ? 
6  O   ? G HOH . ? A HOH 65  ? 1_555 CA ? D CA . ? A CA 30 ? 1_555 O   ? G HOH . ? A HOH 65  ? 5_675 83.3  ? 
7  OP2 ? A DC  8 ? A DC  8   ? 1_555 CA ? D CA . ? A CA 30 ? 1_555 O   ? G HOH . ? A HOH 109 ? 1_555 89.2  ? 
8  OP2 ? A DC  8 ? A DC  8   ? 5_675 CA ? D CA . ? A CA 30 ? 1_555 O   ? G HOH . ? A HOH 109 ? 1_555 88.6  ? 
9  O   ? G HOH . ? A HOH 65  ? 1_555 CA ? D CA . ? A CA 30 ? 1_555 O   ? G HOH . ? A HOH 109 ? 1_555 138.8 ? 
10 O   ? G HOH . ? A HOH 65  ? 5_675 CA ? D CA . ? A CA 30 ? 1_555 O   ? G HOH . ? A HOH 109 ? 1_555 137.9 ? 
11 OP2 ? A DC  8 ? A DC  8   ? 1_555 CA ? D CA . ? A CA 30 ? 1_555 O   ? G HOH . ? A HOH 109 ? 5_675 89.0  ? 
12 OP2 ? A DC  8 ? A DC  8   ? 5_675 CA ? D CA . ? A CA 30 ? 1_555 O   ? G HOH . ? A HOH 109 ? 5_675 88.8  ? 
13 O   ? G HOH . ? A HOH 65  ? 1_555 CA ? D CA . ? A CA 30 ? 1_555 O   ? G HOH . ? A HOH 109 ? 5_675 138.7 ? 
14 O   ? G HOH . ? A HOH 65  ? 5_675 CA ? D CA . ? A CA 30 ? 1_555 O   ? G HOH . ? A HOH 109 ? 5_675 138.0 ? 
15 O   ? G HOH . ? A HOH 109 ? 1_555 CA ? D CA . ? A CA 30 ? 1_555 O   ? G HOH . ? A HOH 109 ? 5_675 0.2   ? 
16 O   ? G HOH . ? A HOH 27  ? 1_555 CA ? C CA . ? A CA 21 ? 1_555 O   ? G HOH . ? A HOH 112 ? 1_555 78.9  ? 
17 O   ? G HOH . ? A HOH 27  ? 1_555 CA ? C CA . ? A CA 21 ? 1_555 O   ? H HOH . ? B HOH 33  ? 1_555 84.9  ? 
18 O   ? G HOH . ? A HOH 112 ? 1_555 CA ? C CA . ? A CA 21 ? 1_555 O   ? H HOH . ? B HOH 33  ? 1_555 156.8 ? 
19 O   ? G HOH . ? A HOH 27  ? 1_555 CA ? C CA . ? A CA 21 ? 1_555 O   ? H HOH . ? B HOH 34  ? 1_555 87.7  ? 
20 O   ? G HOH . ? A HOH 112 ? 1_555 CA ? C CA . ? A CA 21 ? 1_555 O   ? H HOH . ? B HOH 34  ? 1_555 126.7 ? 
21 O   ? H HOH . ? B HOH 33  ? 1_555 CA ? C CA . ? A CA 21 ? 1_555 O   ? H HOH . ? B HOH 34  ? 1_555 68.4  ? 
22 O   ? G HOH . ? A HOH 27  ? 1_555 CA ? C CA . ? A CA 21 ? 1_555 O   ? H HOH . ? B HOH 48  ? 1_555 87.8  ? 
23 O   ? G HOH . ? A HOH 112 ? 1_555 CA ? C CA . ? A CA 21 ? 1_555 O   ? H HOH . ? B HOH 48  ? 1_555 90.2  ? 
24 O   ? H HOH . ? B HOH 33  ? 1_555 CA ? C CA . ? A CA 21 ? 1_555 O   ? H HOH . ? B HOH 48  ? 1_555 72.6  ? 
25 O   ? H HOH . ? B HOH 34  ? 1_555 CA ? C CA . ? A CA 21 ? 1_555 O   ? H HOH . ? B HOH 48  ? 1_555 141.0 ? 
26 O   ? G HOH . ? A HOH 27  ? 1_555 CA ? C CA . ? A CA 21 ? 1_555 O   ? H HOH . ? B HOH 76  ? 1_555 116.1 ? 
27 O   ? G HOH . ? A HOH 112 ? 1_555 CA ? C CA . ? A CA 21 ? 1_555 O   ? H HOH . ? B HOH 76  ? 1_555 77.5  ? 
28 O   ? H HOH . ? B HOH 33  ? 1_555 CA ? C CA . ? A CA 21 ? 1_555 O   ? H HOH . ? B HOH 76  ? 1_555 124.9 ? 
29 O   ? H HOH . ? B HOH 34  ? 1_555 CA ? C CA . ? A CA 21 ? 1_555 O   ? H HOH . ? B HOH 76  ? 1_555 62.8  ? 
30 O   ? H HOH . ? B HOH 48  ? 1_555 CA ? C CA . ? A CA 21 ? 1_555 O   ? H HOH . ? B HOH 76  ? 1_555 149.7 ? 
31 O   ? G HOH . ? A HOH 27  ? 1_555 CA ? C CA . ? A CA 21 ? 1_555 O   ? H HOH . ? B HOH 93  ? 5_665 167.8 ? 
32 O   ? G HOH . ? A HOH 112 ? 1_555 CA ? C CA . ? A CA 21 ? 1_555 O   ? H HOH . ? B HOH 93  ? 5_665 113.0 ? 
33 O   ? H HOH . ? B HOH 33  ? 1_555 CA ? C CA . ? A CA 21 ? 1_555 O   ? H HOH . ? B HOH 93  ? 5_665 84.3  ? 
34 O   ? H HOH . ? B HOH 34  ? 1_555 CA ? C CA . ? A CA 21 ? 1_555 O   ? H HOH . ? B HOH 93  ? 5_665 83.3  ? 
35 O   ? H HOH . ? B HOH 48  ? 1_555 CA ? C CA . ? A CA 21 ? 1_555 O   ? H HOH . ? B HOH 93  ? 5_665 94.1  ? 
36 O   ? H HOH . ? B HOH 76  ? 1_555 CA ? C CA . ? A CA 21 ? 1_555 O   ? H HOH . ? B HOH 93  ? 5_665 66.6  ? 
37 O   ? G HOH . ? A HOH 28  ? 1_555 CA ? F CA . ? B CA 49 ? 1_555 O   ? G HOH . ? A HOH 29  ? 1_555 82.3  ? 
38 O   ? G HOH . ? A HOH 28  ? 1_555 CA ? F CA . ? B CA 49 ? 1_555 O   ? G HOH . ? A HOH 75  ? 1_555 87.0  ? 
39 O   ? G HOH . ? A HOH 29  ? 1_555 CA ? F CA . ? B CA 49 ? 1_555 O   ? G HOH . ? A HOH 75  ? 1_555 158.0 ? 
40 O   ? G HOH . ? A HOH 28  ? 1_555 CA ? F CA . ? B CA 49 ? 1_555 O   ? G HOH . ? A HOH 86  ? 1_555 82.5  ? 
41 O   ? G HOH . ? A HOH 29  ? 1_555 CA ? F CA . ? B CA 49 ? 1_555 O   ? G HOH . ? A HOH 86  ? 1_555 128.0 ? 
42 O   ? G HOH . ? A HOH 75  ? 1_555 CA ? F CA . ? B CA 49 ? 1_555 O   ? G HOH . ? A HOH 86  ? 1_555 68.9  ? 
43 O   ? G HOH . ? A HOH 28  ? 1_555 CA ? F CA . ? B CA 49 ? 1_555 O   ? H HOH . ? B HOH 46  ? 1_555 90.9  ? 
44 O   ? G HOH . ? A HOH 29  ? 1_555 CA ? F CA . ? B CA 49 ? 1_555 O   ? H HOH . ? B HOH 46  ? 1_555 71.3  ? 
45 O   ? G HOH . ? A HOH 75  ? 1_555 CA ? F CA . ? B CA 49 ? 1_555 O   ? H HOH . ? B HOH 46  ? 1_555 89.9  ? 
46 O   ? G HOH . ? A HOH 86  ? 1_555 CA ? F CA . ? B CA 49 ? 1_555 O   ? H HOH . ? B HOH 46  ? 1_555 157.9 ? 
47 O   ? G HOH . ? A HOH 28  ? 1_555 CA ? F CA . ? B CA 49 ? 1_555 O   ? H HOH . ? B HOH 60  ? 1_555 177.6 ? 
48 O   ? G HOH . ? A HOH 29  ? 1_555 CA ? F CA . ? B CA 49 ? 1_555 O   ? H HOH . ? B HOH 60  ? 1_555 99.6  ? 
49 O   ? G HOH . ? A HOH 75  ? 1_555 CA ? F CA . ? B CA 49 ? 1_555 O   ? H HOH . ? B HOH 60  ? 1_555 91.7  ? 
50 O   ? G HOH . ? A HOH 86  ? 1_555 CA ? F CA . ? B CA 49 ? 1_555 O   ? H HOH . ? B HOH 60  ? 1_555 95.1  ? 
51 O   ? H HOH . ? B HOH 46  ? 1_555 CA ? F CA . ? B CA 49 ? 1_555 O   ? H HOH . ? B HOH 60  ? 1_555 91.2  ? 
52 O   ? H HOH . ? B HOH 44  ? 1_555 CA ? E CA . ? B CA 25 ? 1_555 O   ? H HOH . ? B HOH 50  ? 1_555 71.6  ? 
53 O   ? H HOH . ? B HOH 44  ? 1_555 CA ? E CA . ? B CA 25 ? 1_555 O   ? H HOH . ? B HOH 108 ? 1_555 112.1 ? 
54 O   ? H HOH . ? B HOH 50  ? 1_555 CA ? E CA . ? B CA 25 ? 1_555 O   ? H HOH . ? B HOH 108 ? 1_555 74.5  ? 
# 
loop_
_struct_site.id 
_struct_site.pdbx_evidence_code 
_struct_site.pdbx_auth_asym_id 
_struct_site.pdbx_auth_comp_id 
_struct_site.pdbx_auth_seq_id 
_struct_site.pdbx_auth_ins_code 
_struct_site.pdbx_num_residues 
_struct_site.details 
AC1 Software A CA 21 ? 7 'BINDING SITE FOR RESIDUE CA A 21' 
AC2 Software B CA 25 ? 3 'BINDING SITE FOR RESIDUE CA B 25' 
AC3 Software A CA 30 ? 6 'BINDING SITE FOR RESIDUE CA A 30' 
AC4 Software B CA 49 ? 6 'BINDING SITE FOR RESIDUE CA B 49' 
# 
loop_
_struct_site_gen.id 
_struct_site_gen.site_id 
_struct_site_gen.pdbx_num_res 
_struct_site_gen.label_comp_id 
_struct_site_gen.label_asym_id 
_struct_site_gen.label_seq_id 
_struct_site_gen.pdbx_auth_ins_code 
_struct_site_gen.auth_comp_id 
_struct_site_gen.auth_asym_id 
_struct_site_gen.auth_seq_id 
_struct_site_gen.label_atom_id 
_struct_site_gen.label_alt_id 
_struct_site_gen.symmetry 
_struct_site_gen.details 
1  AC1 7 HOH G . ? HOH A 27  . ? 1_555 ? 
2  AC1 7 HOH G . ? HOH A 112 . ? 1_555 ? 
3  AC1 7 HOH H . ? HOH B 33  . ? 1_555 ? 
4  AC1 7 HOH H . ? HOH B 34  . ? 1_555 ? 
5  AC1 7 HOH H . ? HOH B 48  . ? 1_555 ? 
6  AC1 7 HOH H . ? HOH B 76  . ? 1_555 ? 
7  AC1 7 HOH H . ? HOH B 93  . ? 5_665 ? 
8  AC2 3 HOH H . ? HOH B 44  . ? 1_555 ? 
9  AC2 3 HOH H . ? HOH B 50  . ? 1_555 ? 
10 AC2 3 HOH H . ? HOH B 108 . ? 1_555 ? 
11 AC3 6 DC  A 8 ? DC  A 8   . ? 1_555 ? 
12 AC3 6 DC  A 8 ? DC  A 8   . ? 5_675 ? 
13 AC3 6 HOH G . ? HOH A 65  . ? 5_675 ? 
14 AC3 6 HOH G . ? HOH A 65  . ? 1_555 ? 
15 AC3 6 HOH G . ? HOH A 109 . ? 5_675 ? 
16 AC3 6 HOH G . ? HOH A 109 . ? 1_555 ? 
17 AC4 6 HOH G . ? HOH A 28  . ? 1_555 ? 
18 AC4 6 HOH G . ? HOH A 29  . ? 1_555 ? 
19 AC4 6 HOH G . ? HOH A 75  . ? 1_555 ? 
20 AC4 6 HOH G . ? HOH A 86  . ? 1_555 ? 
21 AC4 6 HOH H . ? HOH B 46  . ? 1_555 ? 
22 AC4 6 HOH H . ? HOH B 60  . ? 1_555 ? 
# 
loop_
_pdbx_struct_special_symmetry.id 
_pdbx_struct_special_symmetry.PDB_model_num 
_pdbx_struct_special_symmetry.auth_asym_id 
_pdbx_struct_special_symmetry.auth_comp_id 
_pdbx_struct_special_symmetry.auth_seq_id 
_pdbx_struct_special_symmetry.PDB_ins_code 
_pdbx_struct_special_symmetry.label_asym_id 
_pdbx_struct_special_symmetry.label_comp_id 
_pdbx_struct_special_symmetry.label_seq_id 
1 1 A CA  30  ? D CA  . 
2 1 A HOH 47  ? G HOH . 
3 1 A HOH 74  ? G HOH . 
4 1 A HOH 109 ? G HOH . 
5 1 A HOH 159 ? G HOH . 
6 1 B HOH 39  ? H HOH . 
7 1 B HOH 72  ? H HOH . 
8 1 B HOH 141 ? H HOH . 
# 
loop_
_chem_comp_atom.comp_id 
_chem_comp_atom.atom_id 
_chem_comp_atom.type_symbol 
_chem_comp_atom.pdbx_aromatic_flag 
_chem_comp_atom.pdbx_stereo_config 
_chem_comp_atom.pdbx_ordinal 
CA  CA     CA N N 1   
DA  OP3    O  N N 2   
DA  P      P  N N 3   
DA  OP1    O  N N 4   
DA  OP2    O  N N 5   
DA  "O5'"  O  N N 6   
DA  "C5'"  C  N N 7   
DA  "C4'"  C  N R 8   
DA  "O4'"  O  N N 9   
DA  "C3'"  C  N S 10  
DA  "O3'"  O  N N 11  
DA  "C2'"  C  N N 12  
DA  "C1'"  C  N R 13  
DA  N9     N  Y N 14  
DA  C8     C  Y N 15  
DA  N7     N  Y N 16  
DA  C5     C  Y N 17  
DA  C6     C  Y N 18  
DA  N6     N  N N 19  
DA  N1     N  Y N 20  
DA  C2     C  Y N 21  
DA  N3     N  Y N 22  
DA  C4     C  Y N 23  
DA  HOP3   H  N N 24  
DA  HOP2   H  N N 25  
DA  "H5'"  H  N N 26  
DA  "H5''" H  N N 27  
DA  "H4'"  H  N N 28  
DA  "H3'"  H  N N 29  
DA  "HO3'" H  N N 30  
DA  "H2'"  H  N N 31  
DA  "H2''" H  N N 32  
DA  "H1'"  H  N N 33  
DA  H8     H  N N 34  
DA  H61    H  N N 35  
DA  H62    H  N N 36  
DA  H2     H  N N 37  
DC  OP3    O  N N 38  
DC  P      P  N N 39  
DC  OP1    O  N N 40  
DC  OP2    O  N N 41  
DC  "O5'"  O  N N 42  
DC  "C5'"  C  N N 43  
DC  "C4'"  C  N R 44  
DC  "O4'"  O  N N 45  
DC  "C3'"  C  N S 46  
DC  "O3'"  O  N N 47  
DC  "C2'"  C  N N 48  
DC  "C1'"  C  N R 49  
DC  N1     N  N N 50  
DC  C2     C  N N 51  
DC  O2     O  N N 52  
DC  N3     N  N N 53  
DC  C4     C  N N 54  
DC  N4     N  N N 55  
DC  C5     C  N N 56  
DC  C6     C  N N 57  
DC  HOP3   H  N N 58  
DC  HOP2   H  N N 59  
DC  "H5'"  H  N N 60  
DC  "H5''" H  N N 61  
DC  "H4'"  H  N N 62  
DC  "H3'"  H  N N 63  
DC  "HO3'" H  N N 64  
DC  "H2'"  H  N N 65  
DC  "H2''" H  N N 66  
DC  "H1'"  H  N N 67  
DC  H41    H  N N 68  
DC  H42    H  N N 69  
DC  H5     H  N N 70  
DC  H6     H  N N 71  
DG  OP3    O  N N 72  
DG  P      P  N N 73  
DG  OP1    O  N N 74  
DG  OP2    O  N N 75  
DG  "O5'"  O  N N 76  
DG  "C5'"  C  N N 77  
DG  "C4'"  C  N R 78  
DG  "O4'"  O  N N 79  
DG  "C3'"  C  N S 80  
DG  "O3'"  O  N N 81  
DG  "C2'"  C  N N 82  
DG  "C1'"  C  N R 83  
DG  N9     N  Y N 84  
DG  C8     C  Y N 85  
DG  N7     N  Y N 86  
DG  C5     C  Y N 87  
DG  C6     C  N N 88  
DG  O6     O  N N 89  
DG  N1     N  N N 90  
DG  C2     C  N N 91  
DG  N2     N  N N 92  
DG  N3     N  N N 93  
DG  C4     C  Y N 94  
DG  HOP3   H  N N 95  
DG  HOP2   H  N N 96  
DG  "H5'"  H  N N 97  
DG  "H5''" H  N N 98  
DG  "H4'"  H  N N 99  
DG  "H3'"  H  N N 100 
DG  "HO3'" H  N N 101 
DG  "H2'"  H  N N 102 
DG  "H2''" H  N N 103 
DG  "H1'"  H  N N 104 
DG  H8     H  N N 105 
DG  H1     H  N N 106 
DG  H21    H  N N 107 
DG  H22    H  N N 108 
DT  OP3    O  N N 109 
DT  P      P  N N 110 
DT  OP1    O  N N 111 
DT  OP2    O  N N 112 
DT  "O5'"  O  N N 113 
DT  "C5'"  C  N N 114 
DT  "C4'"  C  N R 115 
DT  "O4'"  O  N N 116 
DT  "C3'"  C  N S 117 
DT  "O3'"  O  N N 118 
DT  "C2'"  C  N N 119 
DT  "C1'"  C  N R 120 
DT  N1     N  N N 121 
DT  C2     C  N N 122 
DT  O2     O  N N 123 
DT  N3     N  N N 124 
DT  C4     C  N N 125 
DT  O4     O  N N 126 
DT  C5     C  N N 127 
DT  C7     C  N N 128 
DT  C6     C  N N 129 
DT  HOP3   H  N N 130 
DT  HOP2   H  N N 131 
DT  "H5'"  H  N N 132 
DT  "H5''" H  N N 133 
DT  "H4'"  H  N N 134 
DT  "H3'"  H  N N 135 
DT  "HO3'" H  N N 136 
DT  "H2'"  H  N N 137 
DT  "H2''" H  N N 138 
DT  "H1'"  H  N N 139 
DT  H3     H  N N 140 
DT  H71    H  N N 141 
DT  H72    H  N N 142 
DT  H73    H  N N 143 
DT  H6     H  N N 144 
HOH O      O  N N 145 
HOH H1     H  N N 146 
HOH H2     H  N N 147 
# 
loop_
_chem_comp_bond.comp_id 
_chem_comp_bond.atom_id_1 
_chem_comp_bond.atom_id_2 
_chem_comp_bond.value_order 
_chem_comp_bond.pdbx_aromatic_flag 
_chem_comp_bond.pdbx_stereo_config 
_chem_comp_bond.pdbx_ordinal 
DA  OP3   P      sing N N 1   
DA  OP3   HOP3   sing N N 2   
DA  P     OP1    doub N N 3   
DA  P     OP2    sing N N 4   
DA  P     "O5'"  sing N N 5   
DA  OP2   HOP2   sing N N 6   
DA  "O5'" "C5'"  sing N N 7   
DA  "C5'" "C4'"  sing N N 8   
DA  "C5'" "H5'"  sing N N 9   
DA  "C5'" "H5''" sing N N 10  
DA  "C4'" "O4'"  sing N N 11  
DA  "C4'" "C3'"  sing N N 12  
DA  "C4'" "H4'"  sing N N 13  
DA  "O4'" "C1'"  sing N N 14  
DA  "C3'" "O3'"  sing N N 15  
DA  "C3'" "C2'"  sing N N 16  
DA  "C3'" "H3'"  sing N N 17  
DA  "O3'" "HO3'" sing N N 18  
DA  "C2'" "C1'"  sing N N 19  
DA  "C2'" "H2'"  sing N N 20  
DA  "C2'" "H2''" sing N N 21  
DA  "C1'" N9     sing N N 22  
DA  "C1'" "H1'"  sing N N 23  
DA  N9    C8     sing Y N 24  
DA  N9    C4     sing Y N 25  
DA  C8    N7     doub Y N 26  
DA  C8    H8     sing N N 27  
DA  N7    C5     sing Y N 28  
DA  C5    C6     sing Y N 29  
DA  C5    C4     doub Y N 30  
DA  C6    N6     sing N N 31  
DA  C6    N1     doub Y N 32  
DA  N6    H61    sing N N 33  
DA  N6    H62    sing N N 34  
DA  N1    C2     sing Y N 35  
DA  C2    N3     doub Y N 36  
DA  C2    H2     sing N N 37  
DA  N3    C4     sing Y N 38  
DC  OP3   P      sing N N 39  
DC  OP3   HOP3   sing N N 40  
DC  P     OP1    doub N N 41  
DC  P     OP2    sing N N 42  
DC  P     "O5'"  sing N N 43  
DC  OP2   HOP2   sing N N 44  
DC  "O5'" "C5'"  sing N N 45  
DC  "C5'" "C4'"  sing N N 46  
DC  "C5'" "H5'"  sing N N 47  
DC  "C5'" "H5''" sing N N 48  
DC  "C4'" "O4'"  sing N N 49  
DC  "C4'" "C3'"  sing N N 50  
DC  "C4'" "H4'"  sing N N 51  
DC  "O4'" "C1'"  sing N N 52  
DC  "C3'" "O3'"  sing N N 53  
DC  "C3'" "C2'"  sing N N 54  
DC  "C3'" "H3'"  sing N N 55  
DC  "O3'" "HO3'" sing N N 56  
DC  "C2'" "C1'"  sing N N 57  
DC  "C2'" "H2'"  sing N N 58  
DC  "C2'" "H2''" sing N N 59  
DC  "C1'" N1     sing N N 60  
DC  "C1'" "H1'"  sing N N 61  
DC  N1    C2     sing N N 62  
DC  N1    C6     sing N N 63  
DC  C2    O2     doub N N 64  
DC  C2    N3     sing N N 65  
DC  N3    C4     doub N N 66  
DC  C4    N4     sing N N 67  
DC  C4    C5     sing N N 68  
DC  N4    H41    sing N N 69  
DC  N4    H42    sing N N 70  
DC  C5    C6     doub N N 71  
DC  C5    H5     sing N N 72  
DC  C6    H6     sing N N 73  
DG  OP3   P      sing N N 74  
DG  OP3   HOP3   sing N N 75  
DG  P     OP1    doub N N 76  
DG  P     OP2    sing N N 77  
DG  P     "O5'"  sing N N 78  
DG  OP2   HOP2   sing N N 79  
DG  "O5'" "C5'"  sing N N 80  
DG  "C5'" "C4'"  sing N N 81  
DG  "C5'" "H5'"  sing N N 82  
DG  "C5'" "H5''" sing N N 83  
DG  "C4'" "O4'"  sing N N 84  
DG  "C4'" "C3'"  sing N N 85  
DG  "C4'" "H4'"  sing N N 86  
DG  "O4'" "C1'"  sing N N 87  
DG  "C3'" "O3'"  sing N N 88  
DG  "C3'" "C2'"  sing N N 89  
DG  "C3'" "H3'"  sing N N 90  
DG  "O3'" "HO3'" sing N N 91  
DG  "C2'" "C1'"  sing N N 92  
DG  "C2'" "H2'"  sing N N 93  
DG  "C2'" "H2''" sing N N 94  
DG  "C1'" N9     sing N N 95  
DG  "C1'" "H1'"  sing N N 96  
DG  N9    C8     sing Y N 97  
DG  N9    C4     sing Y N 98  
DG  C8    N7     doub Y N 99  
DG  C8    H8     sing N N 100 
DG  N7    C5     sing Y N 101 
DG  C5    C6     sing N N 102 
DG  C5    C4     doub Y N 103 
DG  C6    O6     doub N N 104 
DG  C6    N1     sing N N 105 
DG  N1    C2     sing N N 106 
DG  N1    H1     sing N N 107 
DG  C2    N2     sing N N 108 
DG  C2    N3     doub N N 109 
DG  N2    H21    sing N N 110 
DG  N2    H22    sing N N 111 
DG  N3    C4     sing N N 112 
DT  OP3   P      sing N N 113 
DT  OP3   HOP3   sing N N 114 
DT  P     OP1    doub N N 115 
DT  P     OP2    sing N N 116 
DT  P     "O5'"  sing N N 117 
DT  OP2   HOP2   sing N N 118 
DT  "O5'" "C5'"  sing N N 119 
DT  "C5'" "C4'"  sing N N 120 
DT  "C5'" "H5'"  sing N N 121 
DT  "C5'" "H5''" sing N N 122 
DT  "C4'" "O4'"  sing N N 123 
DT  "C4'" "C3'"  sing N N 124 
DT  "C4'" "H4'"  sing N N 125 
DT  "O4'" "C1'"  sing N N 126 
DT  "C3'" "O3'"  sing N N 127 
DT  "C3'" "C2'"  sing N N 128 
DT  "C3'" "H3'"  sing N N 129 
DT  "O3'" "HO3'" sing N N 130 
DT  "C2'" "C1'"  sing N N 131 
DT  "C2'" "H2'"  sing N N 132 
DT  "C2'" "H2''" sing N N 133 
DT  "C1'" N1     sing N N 134 
DT  "C1'" "H1'"  sing N N 135 
DT  N1    C2     sing N N 136 
DT  N1    C6     sing N N 137 
DT  C2    O2     doub N N 138 
DT  C2    N3     sing N N 139 
DT  N3    C4     sing N N 140 
DT  N3    H3     sing N N 141 
DT  C4    O4     doub N N 142 
DT  C4    C5     sing N N 143 
DT  C5    C7     sing N N 144 
DT  C5    C6     doub N N 145 
DT  C7    H71    sing N N 146 
DT  C7    H72    sing N N 147 
DT  C7    H73    sing N N 148 
DT  C6    H6     sing N N 149 
HOH O     H1     sing N N 150 
HOH O     H2     sing N N 151 
# 
_ndb_struct_conf_na.entry_id   1ZF0 
_ndb_struct_conf_na.feature    'b-form double helix' 
# 
loop_
_ndb_struct_na_base_pair.model_number 
_ndb_struct_na_base_pair.i_label_asym_id 
_ndb_struct_na_base_pair.i_label_comp_id 
_ndb_struct_na_base_pair.i_label_seq_id 
_ndb_struct_na_base_pair.i_symmetry 
_ndb_struct_na_base_pair.j_label_asym_id 
_ndb_struct_na_base_pair.j_label_comp_id 
_ndb_struct_na_base_pair.j_label_seq_id 
_ndb_struct_na_base_pair.j_symmetry 
_ndb_struct_na_base_pair.shear 
_ndb_struct_na_base_pair.stretch 
_ndb_struct_na_base_pair.stagger 
_ndb_struct_na_base_pair.buckle 
_ndb_struct_na_base_pair.propeller 
_ndb_struct_na_base_pair.opening 
_ndb_struct_na_base_pair.pair_number 
_ndb_struct_na_base_pair.pair_name 
_ndb_struct_na_base_pair.i_auth_asym_id 
_ndb_struct_na_base_pair.i_auth_seq_id 
_ndb_struct_na_base_pair.i_PDB_ins_code 
_ndb_struct_na_base_pair.j_auth_asym_id 
_ndb_struct_na_base_pair.j_auth_seq_id 
_ndb_struct_na_base_pair.j_PDB_ins_code 
_ndb_struct_na_base_pair.hbond_type_28 
_ndb_struct_na_base_pair.hbond_type_12 
1 A DC 1  1_555 B DG 10 1_555 0.089  -0.031 0.637  -20.151 -11.107 0.573  1  A_DC1:DG20_B  A 1  ? B 20 ? 19 1 
1 A DC 2  1_555 B DG 9  1_555 0.183  -0.034 0.409  -13.448 1.706   -0.628 2  A_DC2:DG19_B  A 2  ? B 19 ? 19 1 
1 A DG 3  1_555 B DC 8  1_555 -0.129 0.077  0.364  -2.425  -9.759  0.454  3  A_DG3:DC18_B  A 3  ? B 18 ? 19 1 
1 A DT 4  1_555 B DA 7  1_555 -0.018 -0.035 0.247  -11.648 -16.081 -6.372 4  A_DT4:DA17_B  A 4  ? B 17 ? 20 1 
1 A DT 5  1_555 B DA 6  1_555 -0.177 -0.148 0.297  -4.106  -2.756  -0.083 5  A_DT5:DA16_B  A 5  ? B 16 ? 20 1 
1 A DA 6  1_555 B DT 5  1_555 0.090  -0.010 -0.225 0.477   -17.736 9.197  6  A_DA6:DT15_B  A 6  ? B 15 ? 20 1 
1 A DA 7  1_555 B DT 4  1_555 0.222  0.010  -0.061 13.244  -11.275 2.576  7  A_DA7:DT14_B  A 7  ? B 14 ? 20 1 
1 A DC 8  1_555 B DG 3  1_555 0.284  -0.092 0.245  2.312   -26.658 1.669  8  A_DC8:DG13_B  A 8  ? B 13 ? 19 1 
1 A DG 9  1_555 B DC 2  1_555 -0.547 0.024  0.023  -4.769  1.976   1.763  9  A_DG9:DC12_B  A 9  ? B 12 ? 19 1 
1 A DG 10 1_555 B DC 1  1_555 -0.008 0.074  0.626  13.625  -6.971  0.502  10 A_DG10:DC11_B A 10 ? B 11 ? 19 1 
# 
loop_
_ndb_struct_na_base_pair_step.model_number 
_ndb_struct_na_base_pair_step.i_label_asym_id_1 
_ndb_struct_na_base_pair_step.i_label_comp_id_1 
_ndb_struct_na_base_pair_step.i_label_seq_id_1 
_ndb_struct_na_base_pair_step.i_symmetry_1 
_ndb_struct_na_base_pair_step.j_label_asym_id_1 
_ndb_struct_na_base_pair_step.j_label_comp_id_1 
_ndb_struct_na_base_pair_step.j_label_seq_id_1 
_ndb_struct_na_base_pair_step.j_symmetry_1 
_ndb_struct_na_base_pair_step.i_label_asym_id_2 
_ndb_struct_na_base_pair_step.i_label_comp_id_2 
_ndb_struct_na_base_pair_step.i_label_seq_id_2 
_ndb_struct_na_base_pair_step.i_symmetry_2 
_ndb_struct_na_base_pair_step.j_label_asym_id_2 
_ndb_struct_na_base_pair_step.j_label_comp_id_2 
_ndb_struct_na_base_pair_step.j_label_seq_id_2 
_ndb_struct_na_base_pair_step.j_symmetry_2 
_ndb_struct_na_base_pair_step.shift 
_ndb_struct_na_base_pair_step.slide 
_ndb_struct_na_base_pair_step.rise 
_ndb_struct_na_base_pair_step.tilt 
_ndb_struct_na_base_pair_step.roll 
_ndb_struct_na_base_pair_step.twist 
_ndb_struct_na_base_pair_step.x_displacement 
_ndb_struct_na_base_pair_step.y_displacement 
_ndb_struct_na_base_pair_step.helical_rise 
_ndb_struct_na_base_pair_step.inclination 
_ndb_struct_na_base_pair_step.tip 
_ndb_struct_na_base_pair_step.helical_twist 
_ndb_struct_na_base_pair_step.step_number 
_ndb_struct_na_base_pair_step.step_name 
_ndb_struct_na_base_pair_step.i_auth_asym_id_1 
_ndb_struct_na_base_pair_step.i_auth_seq_id_1 
_ndb_struct_na_base_pair_step.i_PDB_ins_code_1 
_ndb_struct_na_base_pair_step.j_auth_asym_id_1 
_ndb_struct_na_base_pair_step.j_auth_seq_id_1 
_ndb_struct_na_base_pair_step.j_PDB_ins_code_1 
_ndb_struct_na_base_pair_step.i_auth_asym_id_2 
_ndb_struct_na_base_pair_step.i_auth_seq_id_2 
_ndb_struct_na_base_pair_step.i_PDB_ins_code_2 
_ndb_struct_na_base_pair_step.j_auth_asym_id_2 
_ndb_struct_na_base_pair_step.j_auth_seq_id_2 
_ndb_struct_na_base_pair_step.j_PDB_ins_code_2 
1 A DC 1 1_555 B DG 10 1_555 A DC 2  1_555 B DG 9 1_555 0.733  0.782  3.115 1.491  1.513  32.513 1.140  -1.057 3.177 2.698  -2.659 
32.580 1 AA_DC1DC2:DG19DG20_BB  A 1 ? B 20 ? A 2  ? B 19 ? 
1 A DC 2 1_555 B DG 9  1_555 A DG 3  1_555 B DC 8 1_555 -0.913 0.541  3.008 -6.057 6.860  34.813 -0.063 0.649  3.164 11.227 9.913  
35.959 2 AA_DC2DG3:DC18DG19_BB  A 2 ? B 19 ? A 3  ? B 18 ? 
1 A DG 3 1_555 B DC 8  1_555 A DT 4  1_555 B DA 7 1_555 -0.985 -0.666 3.592 -0.707 0.319  32.966 -1.232 1.603  3.605 0.562  1.246  
32.974 3 AA_DG3DT4:DA17DC18_BB  A 3 ? B 18 ? A 4  ? B 17 ? 
1 A DT 4 1_555 B DA 7  1_555 A DT 5  1_555 B DA 6 1_555 1.086  0.334  3.085 1.197  0.945  36.015 0.413  -1.593 3.126 1.528  -1.935 
36.047 4 AA_DT4DT5:DA16DA17_BB  A 4 ? B 17 ? A 5  ? B 16 ? 
1 A DT 5 1_555 B DA 6  1_555 A DA 6  1_555 B DT 5 1_555 -0.406 1.426  3.417 0.540  -3.516 40.251 2.471  0.651  3.281 -5.097 -0.783 
40.401 5 AA_DT5DA6:DT15DA16_BB  A 5 ? B 16 ? A 6  ? B 15 ? 
1 A DA 6 1_555 B DT 5  1_555 A DA 7  1_555 B DT 4 1_555 0.132  -0.288 2.934 -2.619 0.714  31.094 -0.657 -0.691 2.906 1.329  4.874  
31.209 6 AA_DA6DA7:DT14DT15_BB  A 6 ? B 15 ? A 7  ? B 14 ? 
1 A DA 7 1_555 B DT 4  1_555 A DC 8  1_555 B DG 3 1_555 -1.082 -0.164 3.321 -6.299 3.162  36.553 -0.695 0.823  3.429 4.985  9.929  
37.203 7 AA_DA7DC8:DG13DT14_BB  A 7 ? B 14 ? A 8  ? B 13 ? 
1 A DC 8 1_555 B DG 3  1_555 A DG 9  1_555 B DC 2 1_555 0.524  0.779  3.637 4.235  3.706  37.476 0.662  -0.193 3.729 5.728  -6.546 
37.881 8 AA_DC8DG9:DC12DG13_BB  A 8 ? B 13 ? A 9  ? B 12 ? 
1 A DG 9 1_555 B DC 2  1_555 A DG 10 1_555 B DC 1 1_555 -1.325 1.087  2.893 -5.831 2.916  30.340 1.507  1.425  3.175 5.493  10.982 
31.016 9 AA_DG9DG10:DC11DC12_BB A 9 ? B 12 ? A 10 ? B 11 ? 
# 
_pdbx_initial_refinement_model.accession_code   167D 
_pdbx_initial_refinement_model.id               1 
_pdbx_initial_refinement_model.entity_id_list   ? 
_pdbx_initial_refinement_model.type             'experimental model' 
_pdbx_initial_refinement_model.source_name      PDB 
_pdbx_initial_refinement_model.details          'NDB ENTRY BDJ055' 
# 
_atom_sites.entry_id                    1ZF0 
_atom_sites.fract_transf_matrix[1][1]   -0.02161702 
_atom_sites.fract_transf_matrix[1][2]   0.02605554 
_atom_sites.fract_transf_matrix[1][3]   0.00754549 
_atom_sites.fract_transf_matrix[2][1]   0.01228670 
_atom_sites.fract_transf_matrix[2][2]   0.03223519 
_atom_sites.fract_transf_matrix[2][3]   0.00361222 
_atom_sites.fract_transf_matrix[3][1]   -0.00152857 
_atom_sites.fract_transf_matrix[3][2]   0.00175084 
_atom_sites.fract_transf_matrix[3][3]   -0.01042506 
_atom_sites.fract_transf_vector[1]      0.677394 
_atom_sites.fract_transf_vector[2]      0.737091 
_atom_sites.fract_transf_vector[3]      0.236167 
# 
loop_
_atom_type.symbol 
C  
CA 
N  
O  
P  
# 
loop_
_atom_site.group_PDB 
_atom_site.id 
_atom_site.type_symbol 
_atom_site.label_atom_id 
_atom_site.label_alt_id 
_atom_site.label_comp_id 
_atom_site.label_asym_id 
_atom_site.label_entity_id 
_atom_site.label_seq_id 
_atom_site.pdbx_PDB_ins_code 
_atom_site.Cartn_x 
_atom_site.Cartn_y 
_atom_site.Cartn_z 
_atom_site.occupancy 
_atom_site.B_iso_or_equiv 
_atom_site.pdbx_formal_charge 
_atom_site.auth_seq_id 
_atom_site.auth_comp_id 
_atom_site.auth_asym_id 
_atom_site.auth_atom_id 
_atom_site.pdbx_PDB_model_num 
ATOM   1   O  "O5'" . DC  A 1 1  ? -12.739 -10.497 -9.667  1.00 2.99  ? 1   DC  A "O5'" 1 
ATOM   2   C  "C5'" . DC  A 1 1  ? -12.710 -10.215 -8.277  1.00 2.68  ? 1   DC  A "C5'" 1 
ATOM   3   C  "C4'" . DC  A 1 1  ? -13.272 -8.856  -7.930  1.00 2.68  ? 1   DC  A "C4'" 1 
ATOM   4   O  "O4'" . DC  A 1 1  ? -13.101 -8.643  -6.513  1.00 2.62  ? 1   DC  A "O4'" 1 
ATOM   5   C  "C3'" . DC  A 1 1  ? -12.592 -7.666  -8.602  1.00 2.75  ? 1   DC  A "C3'" 1 
ATOM   6   O  "O3'" . DC  A 1 1  ? -13.557 -6.612  -8.732  1.00 2.93  ? 1   DC  A "O3'" 1 
ATOM   7   C  "C2'" . DC  A 1 1  ? -11.485 -7.314  -7.623  1.00 2.59  ? 1   DC  A "C2'" 1 
ATOM   8   C  "C1'" . DC  A 1 1  ? -12.076 -7.695  -6.270  1.00 2.58  ? 1   DC  A "C1'" 1 
ATOM   9   N  N1    . DC  A 1 1  ? -11.132 -8.321  -5.332  1.00 2.57  ? 1   DC  A N1    1 
ATOM   10  C  C2    . DC  A 1 1  ? -11.235 -8.001  -3.981  1.00 2.53  ? 1   DC  A C2    1 
ATOM   11  O  O2    . DC  A 1 1  ? -12.093 -7.180  -3.632  1.00 2.36  ? 1   DC  A O2    1 
ATOM   12  N  N3    . DC  A 1 1  ? -10.402 -8.595  -3.091  1.00 2.65  ? 1   DC  A N3    1 
ATOM   13  C  C4    . DC  A 1 1  ? -9.489  -9.468  -3.518  1.00 2.66  ? 1   DC  A C4    1 
ATOM   14  N  N4    . DC  A 1 1  ? -8.695  -10.037 -2.609  1.00 2.84  ? 1   DC  A N4    1 
ATOM   15  C  C5    . DC  A 1 1  ? -9.350  -9.801  -4.898  1.00 2.57  ? 1   DC  A C5    1 
ATOM   16  C  C6    . DC  A 1 1  ? -10.185 -9.209  -5.761  1.00 2.48  ? 1   DC  A C6    1 
ATOM   17  P  P     . DC  A 1 2  ? -13.155 -5.219  -9.427  1.00 3.17  ? 2   DC  A P     1 
ATOM   18  O  OP1   . DC  A 1 2  ? -14.418 -4.589  -9.894  1.00 3.27  ? 2   DC  A OP1   1 
ATOM   19  O  OP2   . DC  A 1 2  ? -12.033 -5.411  -10.376 1.00 3.20  ? 2   DC  A OP2   1 
ATOM   20  O  "O5'" . DC  A 1 2  ? -12.663 -4.336  -8.202  1.00 3.20  ? 2   DC  A "O5'" 1 
ATOM   21  C  "C5'" . DC  A 1 2  ? -13.594 -3.941  -7.206  1.00 3.16  ? 2   DC  A "C5'" 1 
ATOM   22  C  "C4'" . DC  A 1 2  ? -12.885 -3.296  -6.041  1.00 3.09  ? 2   DC  A "C4'" 1 
ATOM   23  O  "O4'" . DC  A 1 2  ? -12.016 -4.247  -5.377  1.00 3.00  ? 2   DC  A "O4'" 1 
ATOM   24  C  "C3'" . DC  A 1 2  ? -12.011 -2.088  -6.380  1.00 2.99  ? 2   DC  A "C3'" 1 
ATOM   25  O  "O3'" . DC  A 1 2  ? -12.246 -1.092  -5.391  1.00 3.04  ? 2   DC  A "O3'" 1 
ATOM   26  C  "C2'" . DC  A 1 2  ? -10.597 -2.622  -6.235  1.00 3.05  ? 2   DC  A "C2'" 1 
ATOM   27  C  "C1'" . DC  A 1 2  ? -10.786 -3.604  -5.096  1.00 3.06  ? 2   DC  A "C1'" 1 
ATOM   28  N  N1    . DC  A 1 2  ? -9.749  -4.636  -4.903  1.00 3.09  ? 2   DC  A N1    1 
ATOM   29  C  C2    . DC  A 1 2  ? -9.385  -4.952  -3.594  1.00 3.20  ? 2   DC  A C2    1 
ATOM   30  O  O2    . DC  A 1 2  ? -9.940  -4.357  -2.666  1.00 3.05  ? 2   DC  A O2    1 
ATOM   31  N  N3    . DC  A 1 2  ? -8.444  -5.895  -3.371  1.00 3.21  ? 2   DC  A N3    1 
ATOM   32  C  C4    . DC  A 1 2  ? -7.869  -6.516  -4.397  1.00 3.18  ? 2   DC  A C4    1 
ATOM   33  N  N4    . DC  A 1 2  ? -6.943  -7.445  -4.124  1.00 3.00  ? 2   DC  A N4    1 
ATOM   34  C  C5    . DC  A 1 2  ? -8.217  -6.217  -5.750  1.00 2.96  ? 2   DC  A C5    1 
ATOM   35  C  C6    . DC  A 1 2  ? -9.154  -5.275  -5.956  1.00 2.98  ? 2   DC  A C6    1 
ATOM   36  P  P     . DG  A 1 3  ? -11.948 0.447   -5.718  1.00 2.83  ? 3   DG  A P     1 
ATOM   37  O  OP1   . DG  A 1 3  ? -13.120 0.989   -6.456  1.00 2.89  ? 3   DG  A OP1   1 
ATOM   38  O  OP2   . DG  A 1 3  ? -10.592 0.547   -6.312  1.00 2.82  ? 3   DG  A OP2   1 
ATOM   39  O  "O5'" . DG  A 1 3  ? -11.901 1.107   -4.272  1.00 2.71  ? 3   DG  A "O5'" 1 
ATOM   40  C  "C5'" . DG  A 1 3  ? -12.934 0.864   -3.324  1.00 2.45  ? 3   DG  A "C5'" 1 
ATOM   41  C  "C4'" . DG  A 1 3  ? -12.367 0.905   -1.926  1.00 2.27  ? 3   DG  A "C4'" 1 
ATOM   42  O  "O4'" . DG  A 1 3  ? -11.516 -0.247  -1.705  1.00 2.19  ? 3   DG  A "O4'" 1 
ATOM   43  C  "C3'" . DG  A 1 3  ? -11.495 2.129   -1.662  1.00 2.25  ? 3   DG  A "C3'" 1 
ATOM   44  O  "O3'" . DG  A 1 3  ? -11.680 2.561   -0.324  1.00 2.24  ? 3   DG  A "O3'" 1 
ATOM   45  C  "C2'" . DG  A 1 3  ? -10.083 1.611   -1.855  1.00 2.09  ? 3   DG  A "C2'" 1 
ATOM   46  C  "C1'" . DG  A 1 3  ? -10.194 0.170   -1.390  1.00 2.15  ? 3   DG  A "C1'" 1 
ATOM   47  N  N9    . DG  A 1 3  ? -9.270  -0.737  -2.063  1.00 2.04  ? 3   DG  A N9    1 
ATOM   48  C  C8    . DG  A 1 3  ? -9.114  -0.902  -3.418  1.00 2.07  ? 3   DG  A C8    1 
ATOM   49  N  N7    . DG  A 1 3  ? -8.216  -1.797  -3.726  1.00 2.08  ? 3   DG  A N7    1 
ATOM   50  C  C5    . DG  A 1 3  ? -7.748  -2.249  -2.500  1.00 2.10  ? 3   DG  A C5    1 
ATOM   51  C  C6    . DG  A 1 3  ? -6.770  -3.231  -2.196  1.00 2.20  ? 3   DG  A C6    1 
ATOM   52  O  O6    . DG  A 1 3  ? -6.107  -3.925  -2.973  1.00 2.45  ? 3   DG  A O6    1 
ATOM   53  N  N1    . DG  A 1 3  ? -6.601  -3.373  -0.823  1.00 2.12  ? 3   DG  A N1    1 
ATOM   54  C  C2    . DG  A 1 3  ? -7.287  -2.671  0.139   1.00 2.00  ? 3   DG  A C2    1 
ATOM   55  N  N2    . DG  A 1 3  ? -6.974  -2.952  1.418   1.00 1.92  ? 3   DG  A N2    1 
ATOM   56  N  N3    . DG  A 1 3  ? -8.208  -1.761  -0.131  1.00 2.01  ? 3   DG  A N3    1 
ATOM   57  C  C4    . DG  A 1 3  ? -8.385  -1.601  -1.463  1.00 2.03  ? 3   DG  A C4    1 
ATOM   58  P  P     . DT  A 1 4  ? -10.911 3.864   0.199   1.00 2.38  ? 4   DT  A P     1 
ATOM   59  O  OP1   . DT  A 1 4  ? -11.913 4.651   0.958   1.00 2.41  ? 4   DT  A OP1   1 
ATOM   60  O  OP2   . DT  A 1 4  ? -10.186 4.493   -0.937  1.00 2.42  ? 4   DT  A OP2   1 
ATOM   61  O  "O5'" . DT  A 1 4  ? -9.843  3.271   1.222   1.00 2.49  ? 4   DT  A "O5'" 1 
ATOM   62  C  "C5'" . DT  A 1 4  ? -10.253 2.384   2.259   1.00 2.52  ? 4   DT  A "C5'" 1 
ATOM   63  C  "C4'" . DT  A 1 4  ? -9.062  1.946   3.079   1.00 2.65  ? 4   DT  A "C4'" 1 
ATOM   64  O  "O4'" . DT  A 1 4  ? -8.262  1.003   2.329   1.00 2.61  ? 4   DT  A "O4'" 1 
ATOM   65  C  "C3'" . DT  A 1 4  ? -8.112  3.068   3.500   1.00 2.74  ? 4   DT  A "C3'" 1 
ATOM   66  O  "O3'" . DT  A 1 4  ? -7.697  2.845   4.847   1.00 2.96  ? 4   DT  A "O3'" 1 
ATOM   67  C  "C2'" . DT  A 1 4  ? -6.934  2.908   2.555   1.00 2.63  ? 4   DT  A "C2'" 1 
ATOM   68  C  "C1'" . DT  A 1 4  ? -6.905  1.405   2.354   1.00 2.59  ? 4   DT  A "C1'" 1 
ATOM   69  N  N1    . DT  A 1 4  ? -6.261  0.935   1.108   1.00 2.44  ? 4   DT  A N1    1 
ATOM   70  C  C2    . DT  A 1 4  ? -5.253  -0.001  1.220   1.00 2.50  ? 4   DT  A C2    1 
ATOM   71  O  O2    . DT  A 1 4  ? -4.873  -0.448  2.286   1.00 2.42  ? 4   DT  A O2    1 
ATOM   72  N  N3    . DT  A 1 4  ? -4.704  -0.397  0.026   1.00 2.54  ? 4   DT  A N3    1 
ATOM   73  C  C4    . DT  A 1 4  ? -5.051  0.034   -1.240  1.00 2.42  ? 4   DT  A C4    1 
ATOM   74  O  O4    . DT  A 1 4  ? -4.468  -0.419  -2.223  1.00 2.30  ? 4   DT  A O4    1 
ATOM   75  C  C5    . DT  A 1 4  ? -6.114  1.018   -1.287  1.00 2.38  ? 4   DT  A C5    1 
ATOM   76  C  C7    . DT  A 1 4  ? -6.559  1.544   -2.617  1.00 2.45  ? 4   DT  A C7    1 
ATOM   77  C  C6    . DT  A 1 4  ? -6.659  1.414   -0.125  1.00 2.38  ? 4   DT  A C6    1 
ATOM   78  P  P     . DT  A 1 5  ? -7.010  4.033   5.679   1.00 3.14  ? 5   DT  A P     1 
ATOM   79  O  OP1   . DT  A 1 5  ? -7.489  3.885   7.076   1.00 3.14  ? 5   DT  A OP1   1 
ATOM   80  O  OP2   . DT  A 1 5  ? -7.203  5.321   4.969   1.00 3.14  ? 5   DT  A OP2   1 
ATOM   81  O  "O5'" . DT  A 1 5  ? -5.465  3.656   5.639   1.00 3.20  ? 5   DT  A "O5'" 1 
ATOM   82  C  "C5'" . DT  A 1 5  ? -5.003  2.454   6.249   1.00 3.39  ? 5   DT  A "C5'" 1 
ATOM   83  C  "C4'" . DT  A 1 5  ? -3.576  2.165   5.844   1.00 3.43  ? 5   DT  A "C4'" 1 
ATOM   84  O  "O4'" . DT  A 1 5  ? -3.493  1.767   4.452   1.00 3.41  ? 5   DT  A "O4'" 1 
ATOM   85  C  "C3'" . DT  A 1 5  ? -2.598  3.330   6.002   1.00 3.43  ? 5   DT  A "C3'" 1 
ATOM   86  O  "O3'" . DT  A 1 5  ? -1.357  2.807   6.449   1.00 3.54  ? 5   DT  A "O3'" 1 
ATOM   87  C  "C2'" . DT  A 1 5  ? -2.397  3.804   4.577   1.00 3.38  ? 5   DT  A "C2'" 1 
ATOM   88  C  "C1'" . DT  A 1 5  ? -2.413  2.471   3.868   1.00 3.41  ? 5   DT  A "C1'" 1 
ATOM   89  N  N1    . DT  A 1 5  ? -2.615  2.528   2.414   1.00 3.58  ? 5   DT  A N1    1 
ATOM   90  C  C2    . DT  A 1 5  ? -1.890  1.654   1.642   1.00 3.59  ? 5   DT  A C2    1 
ATOM   91  O  O2    . DT  A 1 5  ? -1.109  0.839   2.107   1.00 3.69  ? 5   DT  A O2    1 
ATOM   92  N  N3    . DT  A 1 5  ? -2.112  1.765   0.298   1.00 3.66  ? 5   DT  A N3    1 
ATOM   93  C  C4    . DT  A 1 5  ? -2.964  2.644   -0.339  1.00 3.79  ? 5   DT  A C4    1 
ATOM   94  O  O4    . DT  A 1 5  ? -3.056  2.627   -1.563  1.00 3.95  ? 5   DT  A O4    1 
ATOM   95  C  C5    . DT  A 1 5  ? -3.696  3.531   0.533   1.00 3.75  ? 5   DT  A C5    1 
ATOM   96  C  C7    . DT  A 1 5  ? -4.644  4.517   -0.067  1.00 3.84  ? 5   DT  A C7    1 
ATOM   97  C  C6    . DT  A 1 5  ? -3.489  3.428   1.850   1.00 3.71  ? 5   DT  A C6    1 
ATOM   98  P  P     . DA  A 1 6  ? -0.607  3.482   7.688   1.00 3.55  ? 6   DA  A P     1 
ATOM   99  O  OP1   . DA  A 1 6  ? -1.452  3.328   8.895   1.00 3.49  ? 6   DA  A OP1   1 
ATOM   100 O  OP2   . DA  A 1 6  ? -0.143  4.835   7.280   1.00 3.46  ? 6   DA  A OP2   1 
ATOM   101 O  "O5'" . DA  A 1 6  ? 0.645   2.521   7.863   1.00 3.33  ? 6   DA  A "O5'" 1 
ATOM   102 C  "C5'" . DA  A 1 6  ? 0.450   1.111   7.955   1.00 3.01  ? 6   DA  A "C5'" 1 
ATOM   103 C  "C4'" . DA  A 1 6  ? 1.451   0.390   7.087   1.00 2.78  ? 6   DA  A "C4'" 1 
ATOM   104 O  "O4'" . DA  A 1 6  ? 1.182   0.670   5.694   1.00 2.65  ? 6   DA  A "O4'" 1 
ATOM   105 C  "C3'" . DA  A 1 6  ? 2.889   0.828   7.334   1.00 2.67  ? 6   DA  A "C3'" 1 
ATOM   106 O  "O3'" . DA  A 1 6  ? 3.746   -0.302  7.249   1.00 2.62  ? 6   DA  A "O3'" 1 
ATOM   107 C  "C2'" . DA  A 1 6  ? 3.159   1.823   6.218   1.00 2.66  ? 6   DA  A "C2'" 1 
ATOM   108 C  "C1'" . DA  A 1 6  ? 2.307   1.289   5.082   1.00 2.68  ? 6   DA  A "C1'" 1 
ATOM   109 N  N9    . DA  A 1 6  ? 1.790   2.295   4.157   1.00 2.76  ? 6   DA  A N9    1 
ATOM   110 C  C8    . DA  A 1 6  ? 1.173   3.485   4.451   1.00 2.67  ? 6   DA  A C8    1 
ATOM   111 N  N7    . DA  A 1 6  ? 0.734   4.128   3.396   1.00 2.88  ? 6   DA  A N7    1 
ATOM   112 C  C5    . DA  A 1 6  ? 1.104   3.316   2.334   1.00 2.81  ? 6   DA  A C5    1 
ATOM   113 C  C6    . DA  A 1 6  ? 0.919   3.428   0.947   1.00 2.78  ? 6   DA  A C6    1 
ATOM   114 N  N6    . DA  A 1 6  ? 0.279   4.444   0.364   1.00 2.57  ? 6   DA  A N6    1 
ATOM   115 N  N1    . DA  A 1 6  ? 1.417   2.445   0.165   1.00 2.71  ? 6   DA  A N1    1 
ATOM   116 C  C2    . DA  A 1 6  ? 2.053   1.423   0.747   1.00 2.58  ? 6   DA  A C2    1 
ATOM   117 N  N3    . DA  A 1 6  ? 2.286   1.202   2.037   1.00 2.94  ? 6   DA  A N3    1 
ATOM   118 C  C4    . DA  A 1 6  ? 1.778   2.196   2.786   1.00 2.78  ? 6   DA  A C4    1 
ATOM   119 P  P     . DA  A 1 7  ? 5.278   -0.164  7.681   1.00 2.40  ? 7   DA  A P     1 
ATOM   120 O  OP1   . DA  A 1 7  ? 5.740   -1.516  8.088   1.00 2.52  ? 7   DA  A OP1   1 
ATOM   121 O  OP2   . DA  A 1 7  ? 5.403   0.969   8.626   1.00 2.48  ? 7   DA  A OP2   1 
ATOM   122 O  "O5'" . DA  A 1 7  ? 6.002   0.224   6.319   1.00 2.38  ? 7   DA  A "O5'" 1 
ATOM   123 C  "C5'" . DA  A 1 7  ? 6.079   -0.732  5.267   1.00 2.10  ? 7   DA  A "C5'" 1 
ATOM   124 C  "C4'" . DA  A 1 7  ? 6.728   -0.135  4.042   1.00 1.91  ? 7   DA  A "C4'" 1 
ATOM   125 O  "O4'" . DA  A 1 7  ? 5.809   0.747   3.350   1.00 1.82  ? 7   DA  A "O4'" 1 
ATOM   126 C  "C3'" . DA  A 1 7  ? 8.010   0.673   4.272   1.00 1.86  ? 7   DA  A "C3'" 1 
ATOM   127 O  "O3'" . DA  A 1 7  ? 8.934   0.356   3.228   1.00 1.80  ? 7   DA  A "O3'" 1 
ATOM   128 C  "C2'" . DA  A 1 7  ? 7.545   2.104   4.074   1.00 1.74  ? 7   DA  A "C2'" 1 
ATOM   129 C  "C1'" . DA  A 1 7  ? 6.532   1.897   2.965   1.00 1.74  ? 7   DA  A "C1'" 1 
ATOM   130 N  N9    . DA  A 1 7  ? 5.593   2.991   2.716   1.00 1.71  ? 7   DA  A N9    1 
ATOM   131 C  C8    . DA  A 1 7  ? 5.095   3.918   3.598   1.00 1.60  ? 7   DA  A C8    1 
ATOM   132 N  N7    . DA  A 1 7  ? 4.309   4.809   3.040   1.00 1.58  ? 7   DA  A N7    1 
ATOM   133 C  C5    . DA  A 1 7  ? 4.283   4.440   1.701   1.00 1.60  ? 7   DA  A C5    1 
ATOM   134 C  C6    . DA  A 1 7  ? 3.636   4.989   0.584   1.00 1.57  ? 7   DA  A C6    1 
ATOM   135 N  N6    . DA  A 1 7  ? 2.867   6.079   0.641   1.00 1.61  ? 7   DA  A N6    1 
ATOM   136 N  N1    . DA  A 1 7  ? 3.806   4.375   -0.608  1.00 1.55  ? 7   DA  A N1    1 
ATOM   137 C  C2    . DA  A 1 7  ? 4.578   3.281   -0.660  1.00 1.53  ? 7   DA  A C2    1 
ATOM   138 N  N3    . DA  A 1 7  ? 5.242   2.670   0.320   1.00 1.58  ? 7   DA  A N3    1 
ATOM   139 C  C4    . DA  A 1 7  ? 5.054   3.310   1.490   1.00 1.56  ? 7   DA  A C4    1 
ATOM   140 P  P     . DC  A 1 8  ? 10.508  0.580   3.449   1.00 1.93  ? 8   DC  A P     1 
ATOM   141 O  OP1   . DC  A 1 8  ? 10.979  -0.475  4.385   1.00 1.84  ? 8   DC  A OP1   1 
ATOM   142 O  OP2   . DC  A 1 8  ? 10.743  2.009   3.762   1.00 1.87  ? 8   DC  A OP2   1 
ATOM   143 O  "O5'" . DC  A 1 8  ? 11.111  0.284   2.007   1.00 1.93  ? 8   DC  A "O5'" 1 
ATOM   144 C  "C5'" . DC  A 1 8  ? 10.688  -0.866  1.283   1.00 1.99  ? 8   DC  A "C5'" 1 
ATOM   145 C  "C4'" . DC  A 1 8  ? 10.343  -0.500  -0.142  1.00 2.18  ? 8   DC  A "C4'" 1 
ATOM   146 O  "O4'" . DC  A 1 8  ? 9.250   0.452   -0.158  1.00 2.12  ? 8   DC  A "O4'" 1 
ATOM   147 C  "C3'" . DC  A 1 8  ? 11.475  0.135   -0.947  1.00 2.24  ? 8   DC  A "C3'" 1 
ATOM   148 O  "O3'" . DC  A 1 8  ? 11.432  -0.381  -2.279  1.00 2.29  ? 8   DC  A "O3'" 1 
ATOM   149 C  "C2'" . DC  A 1 8  ? 11.121  1.612   -0.944  1.00 2.20  ? 8   DC  A "C2'" 1 
ATOM   150 C  "C1'" . DC  A 1 8  ? 9.603   1.572   -0.959  1.00 2.08  ? 8   DC  A "C1'" 1 
ATOM   151 N  N1    . DC  A 1 8  ? 8.962   2.762   -0.381  1.00 2.01  ? 8   DC  A N1    1 
ATOM   152 C  C2    . DC  A 1 8  ? 8.290   3.653   -1.229  1.00 2.08  ? 8   DC  A C2    1 
ATOM   153 O  O2    . DC  A 1 8  ? 8.245   3.410   -2.441  1.00 1.93  ? 8   DC  A O2    1 
ATOM   154 N  N3    . DC  A 1 8  ? 7.710   4.752   -0.705  1.00 2.08  ? 8   DC  A N3    1 
ATOM   155 C  C4    . DC  A 1 8  ? 7.773   4.976   0.610   1.00 2.12  ? 8   DC  A C4    1 
ATOM   156 N  N4    . DC  A 1 8  ? 7.176   6.067   1.084   1.00 2.13  ? 8   DC  A N4    1 
ATOM   157 C  C5    . DC  A 1 8  ? 8.450   4.085   1.497   1.00 2.12  ? 8   DC  A C5    1 
ATOM   158 C  C6    . DC  A 1 8  ? 9.023   3.000   0.965   1.00 2.09  ? 8   DC  A C6    1 
ATOM   159 P  P     . DG  A 1 9  ? 12.752  -0.349  -3.192  1.00 2.39  ? 9   DG  A P     1 
ATOM   160 O  OP1   . DG  A 1 9  ? 12.507  -1.294  -4.313  1.00 2.30  ? 9   DG  A OP1   1 
ATOM   161 O  OP2   . DG  A 1 9  ? 13.970  -0.501  -2.353  1.00 2.25  ? 9   DG  A OP2   1 
ATOM   162 O  "O5'" . DG  A 1 9  ? 12.784  1.131   -3.774  1.00 2.31  ? 9   DG  A "O5'" 1 
ATOM   163 C  "C5'" . DG  A 1 9  ? 12.250  1.426   -5.058  1.00 2.35  ? 9   DG  A "C5'" 1 
ATOM   164 C  "C4'" . DG  A 1 9  ? 12.656  2.820   -5.474  1.00 2.33  ? 9   DG  A "C4'" 1 
ATOM   165 O  "O4'" . DG  A 1 9  ? 12.033  3.796   -4.608  1.00 2.38  ? 9   DG  A "O4'" 1 
ATOM   166 C  "C3'" . DG  A 1 9  ? 14.156  3.097   -5.384  1.00 2.39  ? 9   DG  A "C3'" 1 
ATOM   167 O  "O3'" . DG  A 1 9  ? 14.505  4.042   -6.398  1.00 2.51  ? 9   DG  A "O3'" 1 
ATOM   168 C  "C2'" . DG  A 1 9  ? 14.291  3.760   -4.027  1.00 2.38  ? 9   DG  A "C2'" 1 
ATOM   169 C  "C1'" . DG  A 1 9  ? 13.039  4.606   -4.019  1.00 2.28  ? 9   DG  A "C1'" 1 
ATOM   170 N  N9    . DG  A 1 9  ? 12.550  5.039   -2.717  1.00 2.25  ? 9   DG  A N9    1 
ATOM   171 C  C8    . DG  A 1 9  ? 12.813  4.493   -1.482  1.00 2.29  ? 9   DG  A C8    1 
ATOM   172 N  N7    . DG  A 1 9  ? 12.165  5.086   -0.515  1.00 2.38  ? 9   DG  A N7    1 
ATOM   173 C  C5    . DG  A 1 9  ? 11.440  6.086   -1.150  1.00 2.24  ? 9   DG  A C5    1 
ATOM   174 C  C6    . DG  A 1 9  ? 10.529  7.043   -0.629  1.00 2.36  ? 9   DG  A C6    1 
ATOM   175 O  O6    . DG  A 1 9  ? 10.137  7.183   0.535   1.00 2.63  ? 9   DG  A O6    1 
ATOM   176 N  N1    . DG  A 1 9  ? 10.046  7.882   -1.631  1.00 2.31  ? 9   DG  A N1    1 
ATOM   177 C  C2    . DG  A 1 9  ? 10.375  7.799   -2.962  1.00 2.14  ? 9   DG  A C2    1 
ATOM   178 N  N2    . DG  A 1 9  ? 9.812   8.705   -3.777  1.00 2.02  ? 9   DG  A N2    1 
ATOM   179 N  N3    . DG  A 1 9  ? 11.198  6.900   -3.459  1.00 2.16  ? 9   DG  A N3    1 
ATOM   180 C  C4    . DG  A 1 9  ? 11.689  6.083   -2.505  1.00 2.40  ? 9   DG  A C4    1 
ATOM   181 P  P     . DG  A 1 10 ? 15.842  3.839   -7.259  1.00 2.59  ? 10  DG  A P     1 
ATOM   182 O  OP1   . DG  A 1 10 ? 15.615  2.685   -8.165  1.00 2.56  ? 10  DG  A OP1   1 
ATOM   183 O  OP2   . DG  A 1 10 ? 17.015  3.840   -6.353  1.00 2.52  ? 10  DG  A OP2   1 
ATOM   184 O  "O5'" . DG  A 1 10 ? 15.927  5.167   -8.128  1.00 2.56  ? 10  DG  A "O5'" 1 
ATOM   185 C  "C5'" . DG  A 1 10 ? 14.834  5.578   -8.941  1.00 2.45  ? 10  DG  A "C5'" 1 
ATOM   186 C  "C4'" . DG  A 1 10 ? 14.666  7.077   -8.865  1.00 2.28  ? 10  DG  A "C4'" 1 
ATOM   187 O  "O4'" . DG  A 1 10 ? 14.166  7.437   -7.558  1.00 2.21  ? 10  DG  A "O4'" 1 
ATOM   188 C  "C3'" . DG  A 1 10 ? 15.957  7.878   -9.047  1.00 2.29  ? 10  DG  A "C3'" 1 
ATOM   189 O  "O3'" . DG  A 1 10 ? 15.614  9.186   -9.529  1.00 2.40  ? 10  DG  A "O3'" 1 
ATOM   190 C  "C2'" . DG  A 1 10 ? 16.408  8.101   -7.616  1.00 2.20  ? 10  DG  A "C2'" 1 
ATOM   191 C  "C1'" . DG  A 1 10 ? 15.067  8.349   -6.953  1.00 2.17  ? 10  DG  A "C1'" 1 
ATOM   192 N  N9    . DG  A 1 10 ? 14.982  8.171   -5.510  1.00 2.06  ? 10  DG  A N9    1 
ATOM   193 C  C8    . DG  A 1 10 ? 15.663  7.276   -4.716  1.00 2.03  ? 10  DG  A C8    1 
ATOM   194 N  N7    . DG  A 1 10 ? 15.319  7.348   -3.459  1.00 1.98  ? 10  DG  A N7    1 
ATOM   195 C  C5    . DG  A 1 10 ? 14.366  8.356   -3.421  1.00 2.10  ? 10  DG  A C5    1 
ATOM   196 C  C6    . DG  A 1 10 ? 13.622  8.886   -2.330  1.00 2.04  ? 10  DG  A C6    1 
ATOM   197 O  O6    . DG  A 1 10 ? 13.652  8.550   -1.140  1.00 2.25  ? 10  DG  A O6    1 
ATOM   198 N  N1    . DG  A 1 10 ? 12.768  9.907   -2.742  1.00 2.11  ? 10  DG  A N1    1 
ATOM   199 C  C2    . DG  A 1 10 ? 12.642  10.359  -4.034  1.00 2.10  ? 10  DG  A C2    1 
ATOM   200 N  N2    . DG  A 1 10 ? 11.769  11.363  -4.233  1.00 2.09  ? 10  DG  A N2    1 
ATOM   201 N  N3    . DG  A 1 10 ? 13.321  9.867   -5.057  1.00 2.06  ? 10  DG  A N3    1 
ATOM   202 C  C4    . DG  A 1 10 ? 14.158  8.878   -4.680  1.00 2.04  ? 10  DG  A C4    1 
ATOM   203 O  "O5'" . DC  B 1 1  ? 9.743   15.630  2.808   1.00 3.16  ? 11  DC  B "O5'" 1 
ATOM   204 C  "C5'" . DC  B 1 1  ? 10.183  16.758  2.055   1.00 2.82  ? 11  DC  B "C5'" 1 
ATOM   205 C  "C4'" . DC  B 1 1  ? 9.680   16.718  0.630   1.00 2.84  ? 11  DC  B "C4'" 1 
ATOM   206 O  "O4'" . DC  B 1 1  ? 10.281  15.610  -0.072  1.00 2.78  ? 11  DC  B "O4'" 1 
ATOM   207 C  "C3'" . DC  B 1 1  ? 8.174   16.534  0.480   1.00 2.83  ? 11  DC  B "C3'" 1 
ATOM   208 O  "O3'" . DC  B 1 1  ? 7.740   17.247  -0.684  1.00 2.94  ? 11  DC  B "O3'" 1 
ATOM   209 C  "C2'" . DC  B 1 1  ? 8.026   15.033  0.310   1.00 2.82  ? 11  DC  B "C2'" 1 
ATOM   210 C  "C1'" . DC  B 1 1  ? 9.302   14.642  -0.424  1.00 2.76  ? 11  DC  B "C1'" 1 
ATOM   211 N  N1    . DC  B 1 1  ? 9.854   13.329  -0.052  1.00 2.81  ? 11  DC  B N1    1 
ATOM   212 C  C2    . DC  B 1 1  ? 10.386  12.513  -1.050  1.00 2.93  ? 11  DC  B C2    1 
ATOM   213 O  O2    . DC  B 1 1  ? 10.315  12.891  -2.233  1.00 2.93  ? 11  DC  B O2    1 
ATOM   214 N  N3    . DC  B 1 1  ? 10.964  11.338  -0.707  1.00 3.12  ? 11  DC  B N3    1 
ATOM   215 C  C4    . DC  B 1 1  ? 11.016  10.970  0.577   1.00 3.15  ? 11  DC  B C4    1 
ATOM   216 N  N4    . DC  B 1 1  ? 11.635  9.825   0.883   1.00 3.34  ? 11  DC  B N4    1 
ATOM   217 C  C5    . DC  B 1 1  ? 10.445  11.766  1.612   1.00 3.12  ? 11  DC  B C5    1 
ATOM   218 C  C6    . DC  B 1 1  ? 9.878   12.925  1.255   1.00 2.78  ? 11  DC  B C6    1 
ATOM   219 P  P     . DC  B 1 2  ? 6.177   17.344  -1.030  1.00 3.11  ? 12  DC  B P     1 
ATOM   220 O  OP1   . DC  B 1 2  ? 6.019   18.387  -2.076  1.00 3.26  ? 12  DC  B OP1   1 
ATOM   221 O  OP2   . DC  B 1 2  ? 5.408   17.447  0.236   1.00 3.24  ? 12  DC  B OP2   1 
ATOM   222 O  "O5'" . DC  B 1 2  ? 5.855   15.940  -1.707  1.00 3.03  ? 12  DC  B "O5'" 1 
ATOM   223 C  "C5'" . DC  B 1 2  ? 6.313   15.658  -3.025  1.00 2.94  ? 12  DC  B "C5'" 1 
ATOM   224 C  "C4'" . DC  B 1 2  ? 5.914   14.261  -3.439  1.00 2.88  ? 12  DC  B "C4'" 1 
ATOM   225 O  "O4'" . DC  B 1 2  ? 6.684   13.277  -2.708  1.00 2.89  ? 12  DC  B "O4'" 1 
ATOM   226 C  "C3'" . DC  B 1 2  ? 4.442   13.892  -3.217  1.00 2.83  ? 12  DC  B "C3'" 1 
ATOM   227 O  "O3'" . DC  B 1 2  ? 3.999   13.069  -4.297  1.00 2.66  ? 12  DC  B "O3'" 1 
ATOM   228 C  "C2'" . DC  B 1 2  ? 4.498   13.007  -1.987  1.00 2.77  ? 12  DC  B "C2'" 1 
ATOM   229 C  "C1'" . DC  B 1 2  ? 5.784   12.269  -2.287  1.00 3.03  ? 12  DC  B "C1'" 1 
ATOM   230 N  N1    . DC  B 1 2  ? 6.395   11.524  -1.182  1.00 3.04  ? 12  DC  B N1    1 
ATOM   231 C  C2    . DC  B 1 2  ? 7.379   10.586  -1.488  1.00 3.03  ? 12  DC  B C2    1 
ATOM   232 O  O2    . DC  B 1 2  ? 7.728   10.446  -2.670  1.00 3.18  ? 12  DC  B O2    1 
ATOM   233 N  N3    . DC  B 1 2  ? 7.927   9.858   -0.495  1.00 2.98  ? 12  DC  B N3    1 
ATOM   234 C  C4    . DC  B 1 2  ? 7.532   10.045  0.764   1.00 3.01  ? 12  DC  B C4    1 
ATOM   235 N  N4    . DC  B 1 2  ? 8.095   9.290   1.709   1.00 3.23  ? 12  DC  B N4    1 
ATOM   236 C  C5    . DC  B 1 2  ? 6.543   11.008  1.110   1.00 3.02  ? 12  DC  B C5    1 
ATOM   237 C  C6    . DC  B 1 2  ? 6.006   11.721  0.115   1.00 3.18  ? 12  DC  B C6    1 
ATOM   238 P  P     . DG  B 1 3  ? 3.158   13.718  -5.489  1.00 2.65  ? 13  DG  B P     1 
ATOM   239 O  OP1   . DG  B 1 3  ? 3.722   15.074  -5.655  1.00 2.68  ? 13  DG  B OP1   1 
ATOM   240 O  OP2   . DG  B 1 3  ? 1.709   13.547  -5.211  1.00 2.75  ? 13  DG  B OP2   1 
ATOM   241 O  "O5'" . DG  B 1 3  ? 3.567   12.847  -6.753  1.00 2.43  ? 13  DG  B "O5'" 1 
ATOM   242 C  "C5'" . DG  B 1 3  ? 4.849   13.003  -7.350  1.00 2.15  ? 13  DG  B "C5'" 1 
ATOM   243 C  "C4'" . DG  B 1 3  ? 5.419   11.656  -7.728  1.00 2.00  ? 13  DG  B "C4'" 1 
ATOM   244 O  "O4'" . DG  B 1 3  ? 5.842   10.941  -6.540  1.00 1.89  ? 13  DG  B "O4'" 1 
ATOM   245 C  "C3'" . DG  B 1 3  ? 4.445   10.733  -8.456  1.00 1.95  ? 13  DG  B "C3'" 1 
ATOM   246 O  "O3'" . DG  B 1 3  ? 5.124   10.091  -9.535  1.00 1.95  ? 13  DG  B "O3'" 1 
ATOM   247 C  "C2'" . DG  B 1 3  ? 4.038   9.731   -7.389  1.00 1.86  ? 13  DG  B "C2'" 1 
ATOM   248 C  "C1'" . DG  B 1 3  ? 5.281   9.639   -6.526  1.00 1.85  ? 13  DG  B "C1'" 1 
ATOM   249 N  N9    . DG  B 1 3  ? 5.017   9.281   -5.134  1.00 2.00  ? 13  DG  B N9    1 
ATOM   250 C  C8    . DG  B 1 3  ? 4.108   9.869   -4.286  1.00 1.98  ? 13  DG  B C8    1 
ATOM   251 N  N7    . DG  B 1 3  ? 4.107   9.343   -3.090  1.00 2.07  ? 13  DG  B N7    1 
ATOM   252 C  C5    . DG  B 1 3  ? 5.069   8.345   -3.149  1.00 1.97  ? 13  DG  B C5    1 
ATOM   253 C  C6    . DG  B 1 3  ? 5.517   7.435   -2.149  1.00 2.03  ? 13  DG  B C6    1 
ATOM   254 O  O6    . DG  B 1 3  ? 5.143   7.335   -0.976  1.00 1.97  ? 13  DG  B O6    1 
ATOM   255 N  N1    . DG  B 1 3  ? 6.503   6.585   -2.634  1.00 1.96  ? 13  DG  B N1    1 
ATOM   256 C  C2    . DG  B 1 3  ? 6.997   6.601   -3.917  1.00 1.90  ? 13  DG  B C2    1 
ATOM   257 N  N2    . DG  B 1 3  ? 7.939   5.678   -4.197  1.00 1.77  ? 13  DG  B N2    1 
ATOM   258 N  N3    . DG  B 1 3  ? 6.594   7.450   -4.858  1.00 1.88  ? 13  DG  B N3    1 
ATOM   259 C  C4    . DG  B 1 3  ? 5.637   8.287   -4.406  1.00 1.96  ? 13  DG  B C4    1 
ATOM   260 P  P     . DT  B 1 4  ? 4.319   9.106   -10.511 1.00 2.02  ? 14  DT  B P     1 
ATOM   261 O  OP1   . DT  B 1 4  ? 5.180   8.920   -11.706 1.00 2.11  ? 14  DT  B OP1   1 
ATOM   262 O  OP2   . DT  B 1 4  ? 2.929   9.595   -10.679 1.00 2.09  ? 14  DT  B OP2   1 
ATOM   263 O  "O5'" . DT  B 1 4  ? 4.329   7.734   -9.710  1.00 2.12  ? 14  DT  B "O5'" 1 
ATOM   264 C  "C5'" . DT  B 1 4  ? 5.576   7.192   -9.311  1.00 2.14  ? 14  DT  B "C5'" 1 
ATOM   265 C  "C4'" . DT  B 1 4  ? 5.397   5.868   -8.612  1.00 2.10  ? 14  DT  B "C4'" 1 
ATOM   266 O  "O4'" . DT  B 1 4  ? 5.134   6.037   -7.200  1.00 2.21  ? 14  DT  B "O4'" 1 
ATOM   267 C  "C3'" . DT  B 1 4  ? 4.326   4.926   -9.162  1.00 2.07  ? 14  DT  B "C3'" 1 
ATOM   268 O  "O3'" . DT  B 1 4  ? 4.985   3.710   -9.525  1.00 2.05  ? 14  DT  B "O3'" 1 
ATOM   269 C  "C2'" . DT  B 1 4  ? 3.349   4.769   -8.000  1.00 2.06  ? 14  DT  B "C2'" 1 
ATOM   270 C  "C1'" . DT  B 1 4  ? 4.216   5.049   -6.777  1.00 2.04  ? 14  DT  B "C1'" 1 
ATOM   271 N  N1    . DT  B 1 4  ? 3.536   5.555   -5.556  1.00 1.98  ? 14  DT  B N1    1 
ATOM   272 C  C2    . DT  B 1 4  ? 3.869   4.967   -4.352  1.00 2.04  ? 14  DT  B C2    1 
ATOM   273 O  O2    . DT  B 1 4  ? 4.658   4.044   -4.262  1.00 1.95  ? 14  DT  B O2    1 
ATOM   274 N  N3    . DT  B 1 4  ? 3.240   5.507   -3.251  1.00 1.97  ? 14  DT  B N3    1 
ATOM   275 C  C4    . DT  B 1 4  ? 2.332   6.550   -3.234  1.00 2.01  ? 14  DT  B C4    1 
ATOM   276 O  O4    . DT  B 1 4  ? 1.865   6.945   -2.162  1.00 1.93  ? 14  DT  B O4    1 
ATOM   277 C  C5    . DT  B 1 4  ? 2.012   7.107   -4.530  1.00 2.03  ? 14  DT  B C5    1 
ATOM   278 C  C7    . DT  B 1 4  ? 1.027   8.230   -4.609  1.00 2.24  ? 14  DT  B C7    1 
ATOM   279 C  C6    . DT  B 1 4  ? 2.620   6.587   -5.612  1.00 2.02  ? 14  DT  B C6    1 
ATOM   280 P  P     . DT  B 1 5  ? 4.151   2.460   -10.086 1.00 1.99  ? 15  DT  B P     1 
ATOM   281 O  OP1   . DT  B 1 5  ? 5.027   1.831   -11.110 1.00 2.13  ? 15  DT  B OP1   1 
ATOM   282 O  OP2   . DT  B 1 5  ? 2.761   2.826   -10.429 1.00 2.11  ? 15  DT  B OP2   1 
ATOM   283 O  "O5'" . DT  B 1 5  ? 4.135   1.500   -8.822  1.00 2.11  ? 15  DT  B "O5'" 1 
ATOM   284 C  "C5'" . DT  B 1 5  ? 5.334   1.308   -8.089  1.00 2.26  ? 15  DT  B "C5'" 1 
ATOM   285 C  "C4'" . DT  B 1 5  ? 5.111   0.362   -6.937  1.00 2.23  ? 15  DT  B "C4'" 1 
ATOM   286 O  "O4'" . DT  B 1 5  ? 4.597   1.072   -5.787  1.00 2.24  ? 15  DT  B "O4'" 1 
ATOM   287 C  "C3'" . DT  B 1 5  ? 4.146   -0.785  -7.227  1.00 2.29  ? 15  DT  B "C3'" 1 
ATOM   288 O  "O3'" . DT  B 1 5  ? 4.802   -2.024  -6.992  1.00 2.34  ? 15  DT  B "O3'" 1 
ATOM   289 C  "C2'" . DT  B 1 5  ? 2.994   -0.557  -6.255  1.00 2.28  ? 15  DT  B "C2'" 1 
ATOM   290 C  "C1'" . DT  B 1 5  ? 3.596   0.299   -5.150  1.00 2.21  ? 15  DT  B "C1'" 1 
ATOM   291 N  N1    . DT  B 1 5  ? 2.641   1.242   -4.528  1.00 2.13  ? 15  DT  B N1    1 
ATOM   292 C  C2    . DT  B 1 5  ? 2.648   1.415   -3.155  1.00 2.05  ? 15  DT  B C2    1 
ATOM   293 O  O2    . DT  B 1 5  ? 3.397   0.810   -2.396  1.00 1.91  ? 15  DT  B O2    1 
ATOM   294 N  N3    . DT  B 1 5  ? 1.734   2.333   -2.695  1.00 2.09  ? 15  DT  B N3    1 
ATOM   295 C  C4    . DT  B 1 5  ? 0.835   3.067   -3.441  1.00 2.14  ? 15  DT  B C4    1 
ATOM   296 O  O4    . DT  B 1 5  ? 0.084   3.863   -2.888  1.00 2.05  ? 15  DT  B O4    1 
ATOM   297 C  C5    . DT  B 1 5  ? 0.870   2.821   -4.861  1.00 2.06  ? 15  DT  B C5    1 
ATOM   298 C  C7    . DT  B 1 5  ? -0.084  3.555   -5.749  1.00 2.25  ? 15  DT  B C7    1 
ATOM   299 C  C6    . DT  B 1 5  ? 1.759   1.937   -5.326  1.00 2.11  ? 15  DT  B C6    1 
ATOM   300 P  P     . DA  B 1 6  ? 4.142   -3.391  -7.505  1.00 2.21  ? 16  DA  B P     1 
ATOM   301 O  OP1   . DA  B 1 6  ? 5.218   -4.192  -8.148  1.00 2.38  ? 16  DA  B OP1   1 
ATOM   302 O  OP2   . DA  B 1 6  ? 2.883   -3.106  -8.239  1.00 2.31  ? 16  DA  B OP2   1 
ATOM   303 O  "O5'" . DA  B 1 6  ? 3.788   -4.125  -6.141  1.00 2.21  ? 16  DA  B "O5'" 1 
ATOM   304 C  "C5'" . DA  B 1 6  ? 4.789   -4.280  -5.146  1.00 2.03  ? 16  DA  B "C5'" 1 
ATOM   305 C  "C4'" . DA  B 1 6  ? 4.152   -4.572  -3.813  1.00 2.02  ? 16  DA  B "C4'" 1 
ATOM   306 O  "O4'" . DA  B 1 6  ? 3.296   -3.465  -3.454  1.00 2.01  ? 16  DA  B "O4'" 1 
ATOM   307 C  "C3'" . DA  B 1 6  ? 3.263   -5.813  -3.796  1.00 1.96  ? 16  DA  B "C3'" 1 
ATOM   308 O  "O3'" . DA  B 1 6  ? 3.377   -6.425  -2.515  1.00 1.94  ? 16  DA  B "O3'" 1 
ATOM   309 C  "C2'" . DA  B 1 6  ? 1.867   -5.241  -3.952  1.00 1.97  ? 16  DA  B "C2'" 1 
ATOM   310 C  "C1'" . DA  B 1 6  ? 1.996   -3.949  -3.175  1.00 1.98  ? 16  DA  B "C1'" 1 
ATOM   311 N  N9    . DA  B 1 6  ? 1.041   -2.905  -3.531  1.00 1.90  ? 16  DA  B N9    1 
ATOM   312 C  C8    . DA  B 1 6  ? 0.532   -2.586  -4.767  1.00 1.87  ? 16  DA  B C8    1 
ATOM   313 N  N7    . DA  B 1 6  ? -0.326  -1.593  -4.745  1.00 1.88  ? 16  DA  B N7    1 
ATOM   314 C  C5    . DA  B 1 6  ? -0.381  -1.234  -3.405  1.00 1.92  ? 16  DA  B C5    1 
ATOM   315 C  C6    . DA  B 1 6  ? -1.114  -0.251  -2.720  1.00 1.95  ? 16  DA  B C6    1 
ATOM   316 N  N6    . DA  B 1 6  ? -1.983  0.570   -3.308  1.00 1.92  ? 16  DA  B N6    1 
ATOM   317 N  N1    . DA  B 1 6  ? -0.925  -0.146  -1.386  1.00 2.06  ? 16  DA  B N1    1 
ATOM   318 C  C2    . DA  B 1 6  ? -0.071  -0.985  -0.790  1.00 1.90  ? 16  DA  B C2    1 
ATOM   319 N  N3    . DA  B 1 6  ? 0.663   -1.956  -1.322  1.00 1.88  ? 16  DA  B N3    1 
ATOM   320 C  C4    . DA  B 1 6  ? 0.459   -2.027  -2.650  1.00 1.94  ? 16  DA  B C4    1 
ATOM   321 P  P     . DA  B 1 7  ? 3.255   -8.016  -2.374  1.00 2.12  ? 17  DA  B P     1 
ATOM   322 O  OP1   . DA  B 1 7  ? 4.575   -8.601  -2.704  1.00 2.16  ? 17  DA  B OP1   1 
ATOM   323 O  OP2   . DA  B 1 7  ? 2.049   -8.472  -3.106  1.00 2.14  ? 17  DA  B OP2   1 
ATOM   324 O  "O5'" . DA  B 1 7  ? 2.993   -8.214  -0.816  1.00 2.10  ? 17  DA  B "O5'" 1 
ATOM   325 C  "C5'" . DA  B 1 7  ? 3.748   -7.479  0.145   1.00 2.14  ? 17  DA  B "C5'" 1 
ATOM   326 C  "C4'" . DA  B 1 7  ? 2.880   -7.099  1.321   1.00 2.14  ? 17  DA  B "C4'" 1 
ATOM   327 O  "O4'" . DA  B 1 7  ? 1.988   -6.003  0.994   1.00 2.04  ? 17  DA  B "O4'" 1 
ATOM   328 C  "C3'" . DA  B 1 7  ? 1.995   -8.234  1.820   1.00 2.23  ? 17  DA  B "C3'" 1 
ATOM   329 O  "O3'" . DA  B 1 7  ? 2.012   -8.251  3.244   1.00 2.36  ? 17  DA  B "O3'" 1 
ATOM   330 C  "C2'" . DA  B 1 7  ? 0.617   -7.881  1.280   1.00 2.15  ? 17  DA  B "C2'" 1 
ATOM   331 C  "C1'" . DA  B 1 7  ? 0.642   -6.361  1.268   1.00 2.12  ? 17  DA  B "C1'" 1 
ATOM   332 N  N9    . DA  B 1 7  ? -0.197  -5.732  0.244   1.00 2.12  ? 17  DA  B N9    1 
ATOM   333 C  C8    . DA  B 1 7  ? -0.328  -6.092  -1.075  1.00 2.23  ? 17  DA  B C8    1 
ATOM   334 N  N7    . DA  B 1 7  ? -1.130  -5.311  -1.761  1.00 2.25  ? 17  DA  B N7    1 
ATOM   335 C  C5    . DA  B 1 7  ? -1.565  -4.376  -0.830  1.00 2.19  ? 17  DA  B C5    1 
ATOM   336 C  C6    . DA  B 1 7  ? -2.436  -3.264  -0.926  1.00 2.32  ? 17  DA  B C6    1 
ATOM   337 N  N6    . DA  B 1 7  ? -3.056  -2.889  -2.050  1.00 2.15  ? 17  DA  B N6    1 
ATOM   338 N  N1    . DA  B 1 7  ? -2.651  -2.540  0.195   1.00 2.44  ? 17  DA  B N1    1 
ATOM   339 C  C2    . DA  B 1 7  ? -2.037  -2.911  1.325   1.00 2.19  ? 17  DA  B C2    1 
ATOM   340 N  N3    . DA  B 1 7  ? -1.202  -3.928  1.540   1.00 2.15  ? 17  DA  B N3    1 
ATOM   341 C  C4    . DA  B 1 7  ? -1.004  -4.629  0.412   1.00 2.19  ? 17  DA  B C4    1 
ATOM   342 P  P     . DC  B 1 8  ? 1.253   -9.418  4.027   1.00 2.46  ? 18  DC  B P     1 
ATOM   343 O  OP1   . DC  B 1 8  ? 1.987   -9.583  5.307   1.00 2.50  ? 18  DC  B OP1   1 
ATOM   344 O  OP2   . DC  B 1 8  ? 1.081   -10.579 3.121   1.00 2.54  ? 18  DC  B OP2   1 
ATOM   345 O  "O5'" . DC  B 1 8  ? -0.161  -8.759  4.331   1.00 2.46  ? 18  DC  B "O5'" 1 
ATOM   346 C  "C5'" . DC  B 1 8  ? -0.217  -7.455  4.902   1.00 2.47  ? 18  DC  B "C5'" 1 
ATOM   347 C  "C4'" . DC  B 1 8  ? -1.639  -6.952  4.958   1.00 2.44  ? 18  DC  B "C4'" 1 
ATOM   348 O  "O4'" . DC  B 1 8  ? -2.071  -6.401  3.689   1.00 2.59  ? 18  DC  B "O4'" 1 
ATOM   349 C  "C3'" . DC  B 1 8  ? -2.682  -7.992  5.359   1.00 2.41  ? 18  DC  B "C3'" 1 
ATOM   350 O  "O3'" . DC  B 1 8  ? -3.477  -7.474  6.419   1.00 2.32  ? 18  DC  B "O3'" 1 
ATOM   351 C  "C2'" . DC  B 1 8  ? -3.525  -8.163  4.105   1.00 2.46  ? 18  DC  B "C2'" 1 
ATOM   352 C  "C1'" . DC  B 1 8  ? -3.411  -6.795  3.465   1.00 2.62  ? 18  DC  B "C1'" 1 
ATOM   353 N  N1    . DC  B 1 8  ? -3.681  -6.740  2.017   1.00 2.69  ? 18  DC  B N1    1 
ATOM   354 C  C2    . DC  B 1 8  ? -4.545  -5.750  1.540   1.00 2.78  ? 18  DC  B C2    1 
ATOM   355 O  O2    . DC  B 1 8  ? -5.032  -4.940  2.347   1.00 2.88  ? 18  DC  B O2    1 
ATOM   356 N  N3    . DC  B 1 8  ? -4.826  -5.698  0.216   1.00 2.76  ? 18  DC  B N3    1 
ATOM   357 C  C4    . DC  B 1 8  ? -4.281  -6.587  -0.616  1.00 2.77  ? 18  DC  B C4    1 
ATOM   358 N  N4    . DC  B 1 8  ? -4.598  -6.514  -1.912  1.00 2.74  ? 18  DC  B N4    1 
ATOM   359 C  C5    . DC  B 1 8  ? -3.388  -7.598  -0.157  1.00 2.72  ? 18  DC  B C5    1 
ATOM   360 C  C6    . DC  B 1 8  ? -3.117  -7.636  1.154   1.00 2.71  ? 18  DC  B C6    1 
ATOM   361 P  P     . DG  B 1 9  ? -4.325  -8.478  7.335   1.00 2.26  ? 19  DG  B P     1 
ATOM   362 O  OP1   . DG  B 1 9  ? -4.244  -7.985  8.732   1.00 2.32  ? 19  DG  B OP1   1 
ATOM   363 O  OP2   . DG  B 1 9  ? -3.913  -9.869  7.019   1.00 2.36  ? 19  DG  B OP2   1 
ATOM   364 O  "O5'" . DG  B 1 9  ? -5.809  -8.266  6.798   1.00 2.24  ? 19  DG  B "O5'" 1 
ATOM   365 C  "C5'" . DG  B 1 9  ? -6.476  -7.027  6.990   1.00 2.02  ? 19  DG  B "C5'" 1 
ATOM   366 C  "C4'" . DG  B 1 9  ? -7.845  -7.071  6.357   1.00 1.91  ? 19  DG  B "C4'" 1 
ATOM   367 O  "O4'" . DG  B 1 9  ? -7.748  -6.985  4.916   1.00 1.85  ? 19  DG  B "O4'" 1 
ATOM   368 C  "C3'" . DG  B 1 9  ? -8.648  -8.338  6.645   1.00 1.86  ? 19  DG  B "C3'" 1 
ATOM   369 O  "O3'" . DG  B 1 9  ? -10.025 -7.988  6.702   1.00 1.66  ? 19  DG  B "O3'" 1 
ATOM   370 C  "C2'" . DG  B 1 9  ? -8.437  -9.160  5.390   1.00 1.84  ? 19  DG  B "C2'" 1 
ATOM   371 C  "C1'" . DG  B 1 9  ? -8.463  -8.067  4.344   1.00 1.90  ? 19  DG  B "C1'" 1 
ATOM   372 N  N9    . DG  B 1 9  ? -7.840  -8.398  3.067   1.00 1.87  ? 19  DG  B N9    1 
ATOM   373 C  C8    . DG  B 1 9  ? -6.936  -9.395  2.809   1.00 2.12  ? 19  DG  B C8    1 
ATOM   374 N  N7    . DG  B 1 9  ? -6.574  -9.447  1.556   1.00 2.00  ? 19  DG  B N7    1 
ATOM   375 C  C5    . DG  B 1 9  ? -7.281  -8.417  0.954   1.00 1.96  ? 19  DG  B C5    1 
ATOM   376 C  C6    . DG  B 1 9  ? -7.299  -7.981  -0.394  1.00 1.95  ? 19  DG  B C6    1 
ATOM   377 O  O6    . DG  B 1 9  ? -6.671  -8.432  -1.356  1.00 1.96  ? 19  DG  B O6    1 
ATOM   378 N  N1    . DG  B 1 9  ? -8.155  -6.899  -0.569  1.00 2.11  ? 19  DG  B N1    1 
ATOM   379 C  C2    . DG  B 1 9  ? -8.901  -6.314  0.426   1.00 2.09  ? 19  DG  B C2    1 
ATOM   380 N  N2    . DG  B 1 9  ? -9.677  -5.281  0.062   1.00 2.16  ? 19  DG  B N2    1 
ATOM   381 N  N3    . DG  B 1 9  ? -8.891  -6.711  1.686   1.00 2.06  ? 19  DG  B N3    1 
ATOM   382 C  C4    . DG  B 1 9  ? -8.064  -7.758  1.876   1.00 2.20  ? 19  DG  B C4    1 
ATOM   383 P  P     . DG  B 1 10 ? -10.680 -7.553  8.094   1.00 1.72  ? 20  DG  B P     1 
ATOM   384 O  OP1   . DG  B 1 10 ? -9.879  -6.440  8.671   1.00 1.70  ? 20  DG  B OP1   1 
ATOM   385 O  OP2   . DG  B 1 10 ? -10.902 -8.774  8.896   1.00 1.58  ? 20  DG  B OP2   1 
ATOM   386 O  "O5'" . DG  B 1 10 ? -12.104 -6.997  7.653   1.00 1.72  ? 20  DG  B "O5'" 1 
ATOM   387 C  "C5'" . DG  B 1 10 ? -12.228 -5.743  6.990   1.00 1.90  ? 20  DG  B "C5'" 1 
ATOM   388 C  "C4'" . DG  B 1 10 ? -13.251 -5.835  5.881   1.00 1.96  ? 20  DG  B "C4'" 1 
ATOM   389 O  "O4'" . DG  B 1 10 ? -12.645 -6.326  4.660   1.00 1.95  ? 20  DG  B "O4'" 1 
ATOM   390 C  "C3'" . DG  B 1 10 ? -14.425 -6.773  6.168   1.00 2.01  ? 20  DG  B "C3'" 1 
ATOM   391 O  "O3'" . DG  B 1 10 ? -15.562 -6.325  5.430   1.00 2.07  ? 20  DG  B "O3'" 1 
ATOM   392 C  "C2'" . DG  B 1 10 ? -14.003 -8.048  5.461   1.00 2.02  ? 20  DG  B "C2'" 1 
ATOM   393 C  "C1'" . DG  B 1 10 ? -13.361 -7.466  4.211   1.00 2.02  ? 20  DG  B "C1'" 1 
ATOM   394 N  N9    . DG  B 1 10 ? -12.431 -8.331  3.491   1.00 2.08  ? 20  DG  B N9    1 
ATOM   395 C  C8    . DG  B 1 10 ? -11.721 -9.401  3.983   1.00 2.02  ? 20  DG  B C8    1 
ATOM   396 N  N7    . DG  B 1 10 ? -10.968 -9.972  3.082   1.00 1.98  ? 20  DG  B N7    1 
ATOM   397 C  C5    . DG  B 1 10 ? -11.191 -9.233  1.926   1.00 2.08  ? 20  DG  B C5    1 
ATOM   398 C  C6    . DG  B 1 10 ? -10.647 -9.374  0.620   1.00 2.07  ? 20  DG  B C6    1 
ATOM   399 O  O6    . DG  B 1 10 ? -9.827  -10.204 0.213   1.00 1.94  ? 20  DG  B O6    1 
ATOM   400 N  N1    . DG  B 1 10 ? -11.152 -8.413  -0.252  1.00 2.18  ? 20  DG  B N1    1 
ATOM   401 C  C2    . DG  B 1 10 ? -12.060 -7.441  0.085   1.00 2.30  ? 20  DG  B C2    1 
ATOM   402 N  N2    . DG  B 1 10 ? -12.429 -6.606  -0.902  1.00 2.49  ? 20  DG  B N2    1 
ATOM   403 N  N3    . DG  B 1 10 ? -12.570 -7.297  1.298   1.00 2.28  ? 20  DG  B N3    1 
ATOM   404 C  C4    . DG  B 1 10 ? -12.095 -8.220  2.160   1.00 2.07  ? 20  DG  B C4    1 
HETATM 405 CA CA    . CA  C 2 .  ? -10.283 -2.656  3.947   1.00 1.87  ? 21  CA  A CA    1 
HETATM 406 CA CA    . CA  D 2 .  ? 11.468  3.151   5.516   0.50 1.00  ? 30  CA  A CA    1 
HETATM 407 CA CA    . CA  E 2 .  ? -13.232 -10.630 11.969  1.00 1.00  ? 25  CA  B CA    1 
HETATM 408 CA CA    . CA  F 2 .  ? 9.793   6.057   -7.984  1.00 1.00  ? 49  CA  B CA    1 
HETATM 409 O  O     . HOH G 3 .  ? 11.717  7.129   2.670   1.00 4.06  ? 22  HOH A O     1 
HETATM 410 O  O     . HOH G 3 .  ? -6.309  5.125   -2.873  1.00 6.08  ? 23  HOH A O     1 
HETATM 411 O  O     . HOH G 3 .  ? -10.413 -2.241  1.709   1.00 1.00  ? 27  HOH A O     1 
HETATM 412 O  O     . HOH G 3 .  ? 11.376  4.655   -9.226  1.00 1.00  ? 28  HOH A O     1 
HETATM 413 O  O     . HOH G 3 .  ? 10.295  4.491   -6.212  1.00 1.00  ? 29  HOH A O     1 
HETATM 414 O  O     . HOH G 3 .  ? -16.547 -10.599 -9.521  1.00 1.38  ? 31  HOH A O     1 
HETATM 415 O  O     . HOH G 3 .  ? 3.901   2.463   10.610  1.00 1.45  ? 32  HOH A O     1 
HETATM 416 O  O     . HOH G 3 .  ? -12.005 9.684   -6.768  1.00 5.77  ? 38  HOH A O     1 
HETATM 417 O  O     . HOH G 3 .  ? -7.110  6.882   1.510   1.00 7.34  ? 42  HOH A O     1 
HETATM 418 O  O     . HOH G 3 .  ? -16.052 -11.188 -6.516  1.00 1.00  ? 45  HOH A O     1 
HETATM 419 O  O     . HOH G 3 .  ? -13.103 3.498   -6.804  0.50 4.21  ? 47  HOH A O     1 
HETATM 420 O  O     . HOH G 3 .  ? 1.983   3.070   13.983  1.00 1.00  ? 51  HOH A O     1 
HETATM 421 O  O     . HOH G 3 .  ? -12.369 -3.133  -2.333  1.00 7.65  ? 54  HOH A O     1 
HETATM 422 O  O     . HOH G 3 .  ? 6.660   2.215   -4.161  1.00 3.19  ? 55  HOH A O     1 
HETATM 423 O  O     . HOH G 3 .  ? -4.506  -0.549  -4.812  1.00 9.94  ? 56  HOH A O     1 
HETATM 424 O  O     . HOH G 3 .  ? -12.829 -2.730  0.223   1.00 1.00  ? 63  HOH A O     1 
HETATM 425 O  O     . HOH G 3 .  ? 16.896  11.587  -9.179  1.00 1.00  ? 64  HOH A O     1 
HETATM 426 O  O     . HOH G 3 .  ? 9.663   2.588   6.860   1.00 3.44  ? 65  HOH A O     1 
HETATM 427 O  O     . HOH G 3 .  ? -11.751 -3.231  -12.264 1.00 9.02  ? 67  HOH A O     1 
HETATM 428 O  O     . HOH G 3 .  ? -8.104  -0.643  -7.963  1.00 8.23  ? 70  HOH A O     1 
HETATM 429 O  O     . HOH G 3 .  ? -2.979  5.771   11.562  1.00 9.52  ? 73  HOH A O     1 
HETATM 430 O  O     . HOH G 3 .  ? 6.083   5.099   6.632   0.50 1.00  ? 74  HOH A O     1 
HETATM 431 O  O     . HOH G 3 .  ? 9.028   6.803   -10.044 1.00 1.00  ? 75  HOH A O     1 
HETATM 432 O  O     . HOH G 3 .  ? -0.718  2.049   11.172  1.00 3.89  ? 77  HOH A O     1 
HETATM 433 O  O     . HOH G 3 .  ? -5.639  8.698   12.507  1.00 6.40  ? 79  HOH A O     1 
HETATM 434 O  O     . HOH G 3 .  ? -13.119 5.014   -3.315  1.00 6.04  ? 84  HOH A O     1 
HETATM 435 O  O     . HOH G 3 .  ? 18.452  2.412   -4.691  1.00 6.66  ? 85  HOH A O     1 
HETATM 436 O  O     . HOH G 3 .  ? 11.216  7.873   -8.856  1.00 1.00  ? 86  HOH A O     1 
HETATM 437 O  O     . HOH G 3 .  ? -7.456  4.567   -0.366  1.00 2.95  ? 87  HOH A O     1 
HETATM 438 O  O     . HOH G 3 .  ? 13.323  -2.873  -0.684  1.00 2.72  ? 88  HOH A O     1 
HETATM 439 O  O     . HOH G 3 .  ? -6.292  4.671   9.641   1.00 8.43  ? 89  HOH A O     1 
HETATM 440 O  O     . HOH G 3 .  ? -0.042  -0.883  4.127   1.00 1.55  ? 91  HOH A O     1 
HETATM 441 O  O     . HOH G 3 .  ? -8.340  1.993   -5.189  1.00 7.13  ? 95  HOH A O     1 
HETATM 442 O  O     . HOH G 3 .  ? -13.320 0.164   -9.464  1.00 4.37  ? 99  HOH A O     1 
HETATM 443 O  O     . HOH G 3 .  ? -4.857  6.727   9.987   1.00 6.95  ? 100 HOH A O     1 
HETATM 444 O  O     . HOH G 3 .  ? 13.422  -3.495  -4.729  1.00 6.72  ? 104 HOH A O     1 
HETATM 445 O  O     . HOH G 3 .  ? 3.684   -3.151  9.266   1.00 1.86  ? 106 HOH A O     1 
HETATM 446 O  O     . HOH G 3 .  ? 13.985  2.271   5.000   0.50 8.85  ? 109 HOH A O     1 
HETATM 447 O  O     . HOH G 3 .  ? 16.891  -0.257  -2.744  1.00 1.08  ? 110 HOH A O     1 
HETATM 448 O  O     . HOH G 3 .  ? -8.168  -1.285  3.580   1.00 1.00  ? 112 HOH A O     1 
HETATM 449 O  O     . HOH G 3 .  ? -13.770 3.025   1.307   1.00 1.85  ? 113 HOH A O     1 
HETATM 450 O  O     . HOH G 3 .  ? 15.881  -1.106  8.655   1.00 6.74  ? 115 HOH A O     1 
HETATM 451 O  O     . HOH G 3 .  ? -11.451 -6.686  -12.319 1.00 5.21  ? 116 HOH A O     1 
HETATM 452 O  O     . HOH G 3 .  ? 13.458  -0.434  2.890   1.00 8.58  ? 117 HOH A O     1 
HETATM 453 O  O     . HOH G 3 .  ? 3.539   4.514   6.091   1.00 4.61  ? 119 HOH A O     1 
HETATM 454 O  O     . HOH G 3 .  ? 12.579  2.576   -8.716  1.00 7.97  ? 120 HOH A O     1 
HETATM 455 O  O     . HOH G 3 .  ? -9.907  6.104   2.101   1.00 7.01  ? 122 HOH A O     1 
HETATM 456 O  O     . HOH G 3 .  ? 13.781  2.409   -11.478 1.00 8.80  ? 124 HOH A O     1 
HETATM 457 O  O     . HOH G 3 .  ? 12.311  5.332   -11.362 1.00 2.76  ? 126 HOH A O     1 
HETATM 458 O  O     . HOH G 3 .  ? 9.953   -3.535  -3.453  1.00 7.95  ? 129 HOH A O     1 
HETATM 459 O  O     . HOH G 3 .  ? -1.099  3.572   13.694  1.00 5.71  ? 131 HOH A O     1 
HETATM 460 O  O     . HOH G 3 .  ? -7.116  -0.223  10.020  1.00 6.74  ? 132 HOH A O     1 
HETATM 461 O  O     . HOH G 3 .  ? -16.359 2.864   -0.643  1.00 4.20  ? 137 HOH A O     1 
HETATM 462 O  O     . HOH G 3 .  ? -9.308  -5.113  -9.524  1.00 6.71  ? 139 HOH A O     1 
HETATM 463 O  O     . HOH G 3 .  ? -17.838 -12.288 -10.835 1.00 1.37  ? 146 HOH A O     1 
HETATM 464 O  O     . HOH G 3 .  ? 16.958  1.013   10.069  1.00 9.09  ? 149 HOH A O     1 
HETATM 465 O  O     . HOH G 3 .  ? 11.602  -1.100  -6.921  1.00 6.73  ? 150 HOH A O     1 
HETATM 466 O  O     . HOH G 3 .  ? -12.603 7.225   -4.874  1.00 10.38 ? 153 HOH A O     1 
HETATM 467 O  O     . HOH G 3 .  ? 8.492   -1.986  7.732   1.00 2.04  ? 154 HOH A O     1 
HETATM 468 O  O     . HOH G 3 .  ? -6.056  6.768   7.800   1.00 10.01 ? 157 HOH A O     1 
HETATM 469 O  O     . HOH G 3 .  ? -10.235 8.648   1.354   1.00 10.18 ? 158 HOH A O     1 
HETATM 470 O  O     . HOH G 3 .  ? -16.461 0.693   -6.789  0.50 2.09  ? 159 HOH A O     1 
HETATM 471 O  O     . HOH G 3 .  ? -2.675  7.269   3.070   1.00 8.68  ? 160 HOH A O     1 
HETATM 472 O  O     . HOH G 3 .  ? 7.352   2.451   8.686   1.00 6.71  ? 170 HOH A O     1 
HETATM 473 O  O     . HOH G 3 .  ? -2.974  4.895   14.258  1.00 8.62  ? 171 HOH A O     1 
HETATM 474 O  O     . HOH G 3 .  ? -8.994  -2.941  -8.641  1.00 10.70 ? 174 HOH A O     1 
HETATM 475 O  O     . HOH G 3 .  ? -6.451  -1.268  -6.205  1.00 6.18  ? 175 HOH A O     1 
HETATM 476 O  O     . HOH G 3 .  ? -4.578  6.690   13.281  1.00 11.14 ? 176 HOH A O     1 
HETATM 477 O  O     . HOH G 3 .  ? -4.281  3.297   10.012  1.00 8.14  ? 177 HOH A O     1 
HETATM 478 O  O     . HOH G 3 .  ? 2.075   4.739   12.266  1.00 9.97  ? 179 HOH A O     1 
HETATM 479 O  O     . HOH G 3 .  ? -8.420  5.975   9.083   1.00 8.93  ? 180 HOH A O     1 
HETATM 480 O  O     . HOH G 3 .  ? -14.070 8.568   -2.510  1.00 10.34 ? 183 HOH A O     1 
HETATM 481 O  O     . HOH G 3 .  ? -6.563  8.610   10.256  1.00 11.86 ? 184 HOH A O     1 
HETATM 482 O  O     . HOH H 3 .  ? 0.047   -3.345  3.603   1.00 1.00  ? 24  HOH B O     1 
HETATM 483 O  O     . HOH H 3 .  ? 10.762  15.019  -3.929  1.00 1.00  ? 26  HOH B O     1 
HETATM 484 O  O     . HOH H 3 .  ? -12.541 -3.200  3.765   1.00 1.00  ? 33  HOH B O     1 
HETATM 485 O  O     . HOH H 3 .  ? -10.591 -4.971  3.436   1.00 2.29  ? 34  HOH B O     1 
HETATM 486 O  O     . HOH H 3 .  ? 6.340   -26.000 20.579  1.00 6.71  ? 35  HOH B O     1 
HETATM 487 O  O     . HOH H 3 .  ? -1.586  -26.918 17.211  1.00 5.68  ? 36  HOH B O     1 
HETATM 488 O  O     . HOH H 3 .  ? 4.904   -24.112 21.966  1.00 7.01  ? 37  HOH B O     1 
HETATM 489 O  O     . HOH H 3 .  ? 4.337   -21.737 18.369  0.50 7.97  ? 39  HOH B O     1 
HETATM 490 O  O     . HOH H 3 .  ? -0.441  -24.007 17.118  1.00 6.43  ? 40  HOH B O     1 
HETATM 491 O  O     . HOH H 3 .  ? 3.615   -24.427 19.400  1.00 7.26  ? 41  HOH B O     1 
HETATM 492 O  O     . HOH H 3 .  ? 2.869   -24.502 17.005  1.00 10.27 ? 43  HOH B O     1 
HETATM 493 O  O     . HOH H 3 .  ? -14.211 -13.012 12.201  1.00 1.00  ? 44  HOH B O     1 
HETATM 494 O  O     . HOH H 3 .  ? 7.995   4.130   -8.021  1.00 9.31  ? 46  HOH B O     1 
HETATM 495 O  O     . HOH H 3 .  ? -11.550 -0.622  4.305   1.00 3.88  ? 48  HOH B O     1 
HETATM 496 O  O     . HOH H 3 .  ? -14.040 -10.905 14.223  1.00 1.00  ? 50  HOH B O     1 
HETATM 497 O  O     . HOH H 3 .  ? -3.211  -8.156  -3.893  1.00 6.97  ? 52  HOH B O     1 
HETATM 498 O  O     . HOH H 3 .  ? -5.593  -10.581 -1.956  1.00 6.00  ? 53  HOH B O     1 
HETATM 499 O  O     . HOH H 3 .  ? 7.565   -29.857 21.703  1.00 11.56 ? 57  HOH B O     1 
HETATM 500 O  O     . HOH H 3 .  ? 4.467   -28.833 21.538  1.00 9.50  ? 58  HOH B O     1 
HETATM 501 O  O     . HOH H 3 .  ? 8.225   -23.996 21.204  1.00 3.92  ? 59  HOH B O     1 
HETATM 502 O  O     . HOH H 3 .  ? 8.337   7.460   -6.856  1.00 1.00  ? 60  HOH B O     1 
HETATM 503 O  O     . HOH H 3 .  ? -2.646  -5.064  -6.318  1.00 3.64  ? 61  HOH B O     1 
HETATM 504 O  O     . HOH H 3 .  ? -13.035 4.894   9.451   1.00 9.53  ? 62  HOH B O     1 
HETATM 505 O  O     . HOH H 3 .  ? 0.969   1.155   -8.243  1.00 3.45  ? 66  HOH B O     1 
HETATM 506 O  O     . HOH H 3 .  ? 2.172   13.557  -9.972  1.00 5.21  ? 68  HOH B O     1 
HETATM 507 O  O     . HOH H 3 .  ? -1.643  -9.750  1.984   1.00 6.16  ? 69  HOH B O     1 
HETATM 508 O  O     . HOH H 3 .  ? -3.570  -11.054 12.408  1.00 4.02  ? 71  HOH B O     1 
HETATM 509 O  O     . HOH H 3 .  ? 3.931   -19.219 18.854  0.50 2.94  ? 72  HOH B O     1 
HETATM 510 O  O     . HOH H 3 .  ? -8.318  -4.381  4.735   1.00 3.88  ? 76  HOH B O     1 
HETATM 511 O  O     . HOH H 3 .  ? -13.988 7.338   9.487   1.00 6.26  ? 78  HOH B O     1 
HETATM 512 O  O     . HOH H 3 .  ? -10.980 1.650   6.306   1.00 2.72  ? 80  HOH B O     1 
HETATM 513 O  O     . HOH H 3 .  ? -1.725  -11.852 6.433   1.00 6.00  ? 81  HOH B O     1 
HETATM 514 O  O     . HOH H 3 .  ? 4.885   -7.013  -8.525  1.00 8.15  ? 82  HOH B O     1 
HETATM 515 O  O     . HOH H 3 .  ? 4.860   13.556  3.355   1.00 6.04  ? 83  HOH B O     1 
HETATM 516 O  O     . HOH H 3 .  ? 0.377   -7.382  10.550  1.00 11.13 ? 90  HOH B O     1 
HETATM 517 O  O     . HOH H 3 .  ? 0.047   11.405  -6.923  1.00 8.84  ? 92  HOH B O     1 
HETATM 518 O  O     . HOH H 3 .  ? 4.812   -10.401 5.519   1.00 6.61  ? 93  HOH B O     1 
HETATM 519 O  O     . HOH H 3 .  ? -2.691  -27.912 14.460  1.00 2.59  ? 94  HOH B O     1 
HETATM 520 O  O     . HOH H 3 .  ? 1.596   3.390   -12.416 1.00 2.96  ? 96  HOH B O     1 
HETATM 521 O  O     . HOH H 3 .  ? -9.856  -12.410 3.460   1.00 3.65  ? 97  HOH B O     1 
HETATM 522 O  O     . HOH H 3 .  ? -7.935  -7.724  10.416  1.00 3.63  ? 98  HOH B O     1 
HETATM 523 O  O     . HOH H 3 .  ? 1.122   8.828   -9.169  1.00 3.47  ? 101 HOH B O     1 
HETATM 524 O  O     . HOH H 3 .  ? -2.871  -10.195 -2.580  1.00 10.26 ? 102 HOH B O     1 
HETATM 525 O  O     . HOH H 3 .  ? 6.428   -0.813  -3.934  1.00 4.18  ? 103 HOH B O     1 
HETATM 526 O  O     . HOH H 3 .  ? 6.947   -25.359 23.001  1.00 10.44 ? 105 HOH B O     1 
HETATM 527 O  O     . HOH H 3 .  ? 8.651   14.066  -5.726  1.00 9.23  ? 107 HOH B O     1 
HETATM 528 O  O     . HOH H 3 .  ? -11.442 -10.319 13.291  1.00 3.20  ? 108 HOH B O     1 
HETATM 529 O  O     . HOH H 3 .  ? -3.976  -6.342  12.724  1.00 7.99  ? 111 HOH B O     1 
HETATM 530 O  O     . HOH H 3 .  ? -5.606  -6.888  15.294  1.00 7.75  ? 114 HOH B O     1 
HETATM 531 O  O     . HOH H 3 .  ? -5.831  -9.530  9.945   1.00 6.61  ? 118 HOH B O     1 
HETATM 532 O  O     . HOH H 3 .  ? -3.635  -12.021 -0.862  1.00 7.74  ? 121 HOH B O     1 
HETATM 533 O  O     . HOH H 3 .  ? -0.794  -11.804 1.108   1.00 15.11 ? 123 HOH B O     1 
HETATM 534 O  O     . HOH H 3 .  ? -11.970 -10.718 7.887   1.00 6.19  ? 125 HOH B O     1 
HETATM 535 O  O     . HOH H 3 .  ? 0.732   -1.675  -8.018  1.00 4.18  ? 127 HOH B O     1 
HETATM 536 O  O     . HOH H 3 .  ? 2.640   -13.198 -3.391  1.00 5.14  ? 128 HOH B O     1 
HETATM 537 O  O     . HOH H 3 .  ? 4.767   21.092  -1.829  1.00 2.17  ? 130 HOH B O     1 
HETATM 538 O  O     . HOH H 3 .  ? 1.198   -5.093  -8.309  1.00 3.60  ? 133 HOH B O     1 
HETATM 539 O  O     . HOH H 3 .  ? -3.711  -6.703  16.756  1.00 5.64  ? 134 HOH B O     1 
HETATM 540 O  O     . HOH H 3 .  ? 5.647   18.743  -5.613  1.00 7.34  ? 135 HOH B O     1 
HETATM 541 O  O     . HOH H 3 .  ? -9.686  -1.732  10.250  1.00 2.86  ? 136 HOH B O     1 
HETATM 542 O  O     . HOH H 3 .  ? -5.369  -11.410 4.888   1.00 6.46  ? 138 HOH B O     1 
HETATM 543 O  O     . HOH H 3 .  ? 6.484   -21.884 20.718  1.00 7.17  ? 140 HOH B O     1 
HETATM 544 O  O     . HOH H 3 .  ? 2.681   16.613  -6.923  0.50 8.24  ? 141 HOH B O     1 
HETATM 545 O  O     . HOH H 3 .  ? 8.593   18.544  -8.095  1.00 7.11  ? 142 HOH B O     1 
HETATM 546 O  O     . HOH H 3 .  ? 2.823   -28.384 23.461  1.00 5.70  ? 143 HOH B O     1 
HETATM 547 O  O     . HOH H 3 .  ? -3.168  -9.444  14.304  1.00 5.28  ? 144 HOH B O     1 
HETATM 548 O  O     . HOH H 3 .  ? 7.997   -7.871  -8.068  1.00 6.99  ? 145 HOH B O     1 
HETATM 549 O  O     . HOH H 3 .  ? 0.912   -27.386 18.952  1.00 8.45  ? 147 HOH B O     1 
HETATM 550 O  O     . HOH H 3 .  ? -2.272  -4.294  12.361  1.00 2.65  ? 148 HOH B O     1 
HETATM 551 O  O     . HOH H 3 .  ? 0.741   -27.128 14.623  1.00 8.32  ? 151 HOH B O     1 
HETATM 552 O  O     . HOH H 3 .  ? -1.914  -3.954  -4.020  1.00 9.36  ? 152 HOH B O     1 
HETATM 553 O  O     . HOH H 3 .  ? 1.413   -9.089  8.138   1.00 1.62  ? 155 HOH B O     1 
HETATM 554 O  O     . HOH H 3 .  ? -11.741 1.763   9.147   1.00 3.05  ? 156 HOH B O     1 
HETATM 555 O  O     . HOH H 3 .  ? 8.302   2.510   -6.346  1.00 2.47  ? 161 HOH B O     1 
HETATM 556 O  O     . HOH H 3 .  ? -2.278  -27.057 12.000  1.00 7.93  ? 162 HOH B O     1 
HETATM 557 O  O     . HOH H 3 .  ? -8.965  -12.814 6.938   1.00 6.19  ? 163 HOH B O     1 
HETATM 558 O  O     . HOH H 3 .  ? -7.278  -2.379  8.087   1.00 9.02  ? 164 HOH B O     1 
HETATM 559 O  O     . HOH H 3 .  ? -4.921  -4.566  9.947   1.00 2.23  ? 165 HOH B O     1 
HETATM 560 O  O     . HOH H 3 .  ? -13.370 0.645   2.741   1.00 1.23  ? 166 HOH B O     1 
HETATM 561 O  O     . HOH H 3 .  ? 9.001   18.765  -5.579  1.00 5.78  ? 167 HOH B O     1 
HETATM 562 O  O     . HOH H 3 .  ? -2.933  -11.381 -5.051  1.00 8.14  ? 168 HOH B O     1 
HETATM 563 O  O     . HOH H 3 .  ? -12.774 -0.030  7.072   1.00 5.20  ? 169 HOH B O     1 
HETATM 564 O  O     . HOH H 3 .  ? 1.527   -8.949  -5.615  1.00 11.08 ? 172 HOH B O     1 
HETATM 565 O  O     . HOH H 3 .  ? -1.419  -3.691  7.900   1.00 8.16  ? 173 HOH B O     1 
HETATM 566 O  O     . HOH H 3 .  ? 0.588   2.020   -14.300 1.00 5.29  ? 178 HOH B O     1 
HETATM 567 O  O     . HOH H 3 .  ? 6.078   10.485  -13.484 1.00 10.60 ? 181 HOH B O     1 
HETATM 568 O  O     . HOH H 3 .  ? 2.560   6.405   -11.320 1.00 8.35  ? 182 HOH B O     1 
HETATM 569 O  O     . HOH H 3 .  ? -1.287  -10.317 -6.505  1.00 12.70 ? 185 HOH B O     1 
HETATM 570 O  O     . HOH H 3 .  ? 1.363   11.882  -11.972 1.00 10.22 ? 186 HOH B O     1 
# 
